data_7MX5
#
_entry.id   7MX5
#
_cell.length_a   43.498
_cell.length_b   98.443
_cell.length_c   83.832
_cell.angle_alpha   90.000
_cell.angle_beta   92.072
_cell.angle_gamma   90.000
#
_symmetry.space_group_name_H-M   'P 1 21 1'
#
loop_
_entity.id
_entity.type
_entity.pdbx_description
1 polymer 'Tol-Pal system protein TolB'
2 water water
#
_entity_poly.entity_id   1
_entity_poly.type   'polypeptide(L)'
_entity_poly.pdbx_seq_one_letter_code
;GQLHLEIAKAPDQAPKIAIVPFNNDNGLYPIVETDLNRSGRFTSSSKNLPANAAINQIQASDWQAAGIPYVVTGQIKQTA
DGFEVHYQLYDVQKQQYLLNELLNVPASRIRQAGHMVSDAIYQALTGIPGDFSGRIAYVLRNPATPAERYTLQIADTDGE
QPKTVLSSRDPILSPAWTPDAKKIAYVSFETKRPAIYLQDLSTGTREVITSFKGLNGAPSFSPDGKSMLFTASMNGNPEI
YQMDLSTRQVKRMTNDSGIDTEARYTPDGKAFIFTSDRGGSPQIYRYDFGNGSVKRLTFKGSFNARGTLSADGKKIALVH
RPSGSNYKVAIQDINTGIVNILTPTSLDESPSFSPNGQMVVYATREGNRGLLSIMSTDGRFRMNLPSEQGEVREPAWAPK
;
_entity_poly.pdbx_strand_id   A,B
#
# COMPACT_ATOMS: atom_id res chain seq x y z
N GLY A 1 -24.22 -31.77 -5.08
CA GLY A 1 -23.40 -30.95 -4.22
C GLY A 1 -21.98 -31.47 -4.05
N GLN A 2 -21.06 -30.93 -4.85
CA GLN A 2 -19.66 -31.34 -4.73
C GLN A 2 -19.03 -30.72 -3.49
N LEU A 3 -19.34 -29.46 -3.21
CA LEU A 3 -18.88 -28.81 -1.99
C LEU A 3 -19.98 -28.95 -0.93
N HIS A 4 -19.68 -29.66 0.15
CA HIS A 4 -20.60 -29.86 1.24
C HIS A 4 -20.37 -28.81 2.33
N LEU A 5 -21.45 -28.43 3.00
CA LEU A 5 -21.41 -27.32 3.93
C LEU A 5 -21.06 -27.80 5.33
N GLU A 6 -20.11 -27.12 5.97
CA GLU A 6 -19.77 -27.31 7.37
C GLU A 6 -19.81 -25.96 8.08
N ILE A 7 -20.27 -25.97 9.32
CA ILE A 7 -20.07 -24.84 10.23
C ILE A 7 -18.90 -25.19 11.14
N ALA A 8 -17.88 -24.35 11.14
CA ALA A 8 -16.66 -24.60 11.90
C ALA A 8 -16.62 -23.84 13.22
N LYS A 9 -16.87 -22.53 13.19
CA LYS A 9 -16.84 -21.67 14.37
C LYS A 9 -18.14 -20.89 14.42
N ALA A 10 -19.07 -21.34 15.28
CA ALA A 10 -20.31 -20.62 15.46
C ALA A 10 -20.05 -19.31 16.21
N PRO A 11 -20.89 -18.29 16.00
CA PRO A 11 -20.76 -17.06 16.79
C PRO A 11 -20.97 -17.36 18.27
N ASP A 12 -20.05 -16.87 19.10
CA ASP A 12 -20.02 -17.22 20.51
C ASP A 12 -21.39 -17.01 21.15
N GLN A 13 -21.90 -15.78 21.09
CA GLN A 13 -23.26 -15.52 21.51
C GLN A 13 -23.94 -14.62 20.50
N ALA A 14 -25.16 -14.98 20.14
CA ALA A 14 -25.95 -14.23 19.17
C ALA A 14 -27.42 -14.40 19.54
N PRO A 15 -28.27 -13.46 19.14
CA PRO A 15 -29.71 -13.64 19.38
C PRO A 15 -30.21 -14.91 18.70
N LYS A 16 -31.21 -15.54 19.32
CA LYS A 16 -31.79 -16.76 18.82
C LYS A 16 -33.09 -16.47 18.07
N ILE A 17 -33.33 -17.25 17.02
CA ILE A 17 -34.51 -17.08 16.18
C ILE A 17 -35.27 -18.40 16.15
N ALA A 18 -36.42 -18.43 16.82
CA ALA A 18 -37.28 -19.60 16.76
C ALA A 18 -38.00 -19.63 15.42
N ILE A 19 -38.03 -20.78 14.78
CA ILE A 19 -38.72 -20.96 13.51
C ILE A 19 -39.70 -22.13 13.68
N VAL A 20 -40.97 -21.82 13.77
CA VAL A 20 -41.99 -22.86 13.92
C VAL A 20 -42.11 -23.63 12.61
N PRO A 21 -42.08 -24.97 12.63
CA PRO A 21 -42.31 -25.75 11.40
C PRO A 21 -43.59 -25.32 10.68
N PHE A 22 -43.46 -24.92 9.42
CA PHE A 22 -44.61 -24.45 8.66
C PHE A 22 -45.57 -25.61 8.44
N ASN A 23 -46.87 -25.34 8.63
CA ASN A 23 -47.86 -26.38 8.39
C ASN A 23 -47.90 -26.71 6.90
N ASN A 24 -47.99 -28.01 6.60
CA ASN A 24 -47.91 -28.51 5.23
C ASN A 24 -46.61 -28.05 4.56
N ASP A 25 -45.50 -28.23 5.27
CA ASP A 25 -44.21 -27.75 4.78
C ASP A 25 -43.74 -28.57 3.58
N ASN A 26 -43.02 -27.90 2.69
CA ASN A 26 -42.47 -28.51 1.47
C ASN A 26 -41.02 -28.93 1.63
N GLY A 27 -40.46 -28.83 2.83
CA GLY A 27 -39.02 -28.89 3.00
C GLY A 27 -38.36 -27.53 2.99
N LEU A 28 -39.13 -26.46 3.20
CA LEU A 28 -38.64 -25.09 3.08
C LEU A 28 -37.98 -24.63 4.37
N TYR A 29 -38.68 -24.77 5.49
CA TYR A 29 -38.20 -24.20 6.75
C TYR A 29 -36.88 -24.80 7.26
N PRO A 30 -36.55 -26.08 7.04
CA PRO A 30 -35.20 -26.51 7.43
C PRO A 30 -34.09 -25.78 6.70
N ILE A 31 -34.32 -25.42 5.43
CA ILE A 31 -33.34 -24.61 4.71
C ILE A 31 -33.21 -23.23 5.34
N VAL A 32 -34.33 -22.64 5.73
CA VAL A 32 -34.30 -21.33 6.38
C VAL A 32 -33.60 -21.41 7.72
N GLU A 33 -33.93 -22.44 8.52
CA GLU A 33 -33.26 -22.63 9.80
C GLU A 33 -31.76 -22.87 9.63
N THR A 34 -31.37 -23.54 8.54
CA THR A 34 -29.95 -23.75 8.28
C THR A 34 -29.26 -22.46 7.85
N ASP A 35 -29.94 -21.65 7.03
CA ASP A 35 -29.37 -20.38 6.60
C ASP A 35 -29.16 -19.45 7.78
N LEU A 36 -30.18 -19.32 8.63
CA LEU A 36 -30.07 -18.43 9.79
C LEU A 36 -28.94 -18.87 10.71
N ASN A 37 -28.68 -20.17 10.80
CA ASN A 37 -27.57 -20.67 11.61
C ASN A 37 -26.21 -20.47 10.96
N ARG A 38 -26.17 -20.13 9.68
CA ARG A 38 -24.92 -19.82 9.00
C ARG A 38 -24.82 -18.34 8.63
N SER A 39 -25.62 -17.49 9.27
CA SER A 39 -25.62 -16.06 9.01
C SER A 39 -24.44 -15.34 9.65
N GLY A 40 -23.74 -15.98 10.58
CA GLY A 40 -22.67 -15.33 11.31
C GLY A 40 -23.12 -14.32 12.34
N ARG A 41 -24.43 -14.11 12.48
CA ARG A 41 -24.97 -13.14 13.43
C ARG A 41 -26.12 -13.68 14.27
N PHE A 42 -26.63 -14.87 13.98
CA PHE A 42 -27.77 -15.42 14.71
C PHE A 42 -27.64 -16.93 14.79
N THR A 43 -28.45 -17.51 15.67
CA THR A 43 -28.69 -18.94 15.72
C THR A 43 -30.20 -19.17 15.62
N SER A 44 -30.57 -20.38 15.18
CA SER A 44 -31.97 -20.70 14.96
C SER A 44 -32.24 -22.14 15.33
N SER A 45 -33.48 -22.42 15.71
CA SER A 45 -33.88 -23.77 16.10
C SER A 45 -35.38 -23.93 15.85
N SER A 46 -35.78 -25.19 15.67
CA SER A 46 -37.18 -25.51 15.39
C SER A 46 -37.71 -26.72 16.16
N LYS A 47 -36.87 -27.40 16.95
CA LYS A 47 -37.28 -28.65 17.56
C LYS A 47 -37.78 -28.48 18.99
N ASN A 48 -36.88 -28.17 19.92
CA ASN A 48 -37.24 -28.04 21.33
C ASN A 48 -37.90 -26.68 21.57
N LEU A 49 -39.12 -26.55 21.03
CA LEU A 49 -39.79 -25.26 21.08
C LEU A 49 -40.60 -25.12 22.37
N PRO A 50 -40.61 -23.91 22.95
CA PRO A 50 -41.35 -23.69 24.20
C PRO A 50 -42.80 -23.31 24.02
N ALA A 51 -43.25 -23.02 22.80
CA ALA A 51 -44.63 -22.58 22.58
C ALA A 51 -45.07 -23.07 21.20
N ASN A 52 -46.24 -22.58 20.76
CA ASN A 52 -46.81 -22.97 19.48
C ASN A 52 -47.47 -21.74 18.87
N ALA A 53 -46.91 -21.25 17.77
CA ALA A 53 -47.43 -20.08 17.07
C ALA A 53 -47.61 -20.41 15.59
N ALA A 54 -48.33 -19.54 14.89
CA ALA A 54 -48.62 -19.73 13.48
C ALA A 54 -48.81 -18.36 12.83
N ILE A 55 -49.36 -18.37 11.61
CA ILE A 55 -49.58 -17.13 10.88
C ILE A 55 -50.66 -16.31 11.58
N ASN A 56 -50.32 -15.05 11.89
CA ASN A 56 -51.22 -14.11 12.54
C ASN A 56 -51.76 -14.63 13.87
N GLN A 57 -51.02 -15.53 14.52
CA GLN A 57 -51.37 -16.04 15.83
C GLN A 57 -50.09 -16.29 16.60
N ILE A 58 -49.72 -15.35 17.47
CA ILE A 58 -48.55 -15.50 18.32
C ILE A 58 -48.75 -14.65 19.57
N GLN A 59 -48.39 -15.21 20.72
CA GLN A 59 -48.46 -14.51 22.00
C GLN A 59 -47.04 -14.43 22.56
N ALA A 60 -46.59 -13.21 22.85
CA ALA A 60 -45.19 -12.97 23.17
C ALA A 60 -44.83 -13.29 24.61
N SER A 61 -45.81 -13.59 25.47
CA SER A 61 -45.50 -13.85 26.87
C SER A 61 -44.67 -15.12 27.04
N ASP A 62 -44.88 -16.12 26.18
CA ASP A 62 -44.19 -17.40 26.32
C ASP A 62 -42.85 -17.42 25.63
N TRP A 63 -42.67 -16.62 24.57
CA TRP A 63 -41.38 -16.57 23.90
C TRP A 63 -40.36 -15.75 24.68
N GLN A 64 -40.80 -14.72 25.40
CA GLN A 64 -39.90 -14.05 26.32
C GLN A 64 -39.45 -14.99 27.42
N ALA A 65 -40.39 -15.79 27.95
CA ALA A 65 -40.08 -16.67 29.07
C ALA A 65 -38.91 -17.60 28.75
N ALA A 66 -38.83 -18.07 27.50
CA ALA A 66 -37.73 -18.91 27.06
C ALA A 66 -36.56 -18.09 26.53
N GLY A 67 -36.57 -16.78 26.73
CA GLY A 67 -35.49 -15.94 26.24
C GLY A 67 -35.38 -15.89 24.74
N ILE A 68 -36.49 -15.98 24.03
CA ILE A 68 -36.51 -15.98 22.57
C ILE A 68 -36.97 -14.60 22.11
N PRO A 69 -36.16 -13.87 21.34
CA PRO A 69 -36.58 -12.53 20.91
C PRO A 69 -37.26 -12.51 19.55
N TYR A 70 -37.01 -13.50 18.70
CA TYR A 70 -37.51 -13.51 17.33
C TYR A 70 -38.12 -14.86 17.01
N VAL A 71 -39.32 -14.84 16.43
CA VAL A 71 -40.04 -16.05 16.05
C VAL A 71 -40.48 -15.93 14.60
N VAL A 72 -40.31 -16.99 13.83
CA VAL A 72 -40.66 -17.04 12.42
C VAL A 72 -41.75 -18.08 12.22
N THR A 73 -42.82 -17.70 11.52
CA THR A 73 -43.91 -18.58 11.21
C THR A 73 -44.14 -18.61 9.70
N GLY A 74 -44.82 -19.64 9.23
CA GLY A 74 -45.03 -19.79 7.80
C GLY A 74 -46.17 -20.72 7.46
N GLN A 75 -46.68 -20.55 6.24
CA GLN A 75 -47.76 -21.38 5.71
C GLN A 75 -47.48 -21.64 4.24
N ILE A 76 -47.54 -22.91 3.83
CA ILE A 76 -47.25 -23.31 2.46
C ILE A 76 -48.53 -23.82 1.81
N LYS A 77 -48.87 -23.26 0.66
CA LYS A 77 -50.04 -23.67 -0.12
C LYS A 77 -49.60 -23.94 -1.55
N GLN A 78 -49.95 -25.12 -2.07
CA GLN A 78 -49.56 -25.48 -3.42
C GLN A 78 -50.35 -24.70 -4.45
N THR A 79 -49.68 -24.32 -5.54
CA THR A 79 -50.30 -23.63 -6.66
C THR A 79 -50.14 -24.46 -7.93
N ALA A 80 -50.70 -23.94 -9.02
CA ALA A 80 -50.62 -24.64 -10.30
C ALA A 80 -49.17 -24.77 -10.77
N ASP A 81 -48.43 -23.66 -10.73
CA ASP A 81 -47.01 -23.71 -11.07
C ASP A 81 -46.24 -24.51 -10.03
N GLY A 82 -46.21 -24.02 -8.78
CA GLY A 82 -45.52 -24.71 -7.72
C GLY A 82 -46.22 -24.56 -6.38
N PHE A 83 -45.73 -23.66 -5.54
CA PHE A 83 -46.31 -23.47 -4.22
C PHE A 83 -46.08 -22.03 -3.77
N GLU A 84 -46.90 -21.61 -2.81
CA GLU A 84 -46.80 -20.31 -2.18
C GLU A 84 -46.29 -20.48 -0.76
N VAL A 85 -45.49 -19.52 -0.30
CA VAL A 85 -45.05 -19.49 1.09
C VAL A 85 -45.44 -18.14 1.68
N HIS A 86 -46.26 -18.18 2.72
CA HIS A 86 -46.64 -17.01 3.48
C HIS A 86 -45.90 -17.09 4.82
N TYR A 87 -44.92 -16.20 5.00
CA TYR A 87 -44.07 -16.24 6.18
C TYR A 87 -44.07 -14.91 6.89
N GLN A 88 -43.79 -14.95 8.19
CA GLN A 88 -43.76 -13.76 9.03
C GLN A 88 -42.52 -13.80 9.91
N LEU A 89 -42.10 -12.61 10.34
CA LEU A 89 -41.03 -12.45 11.33
C LEU A 89 -41.55 -11.57 12.44
N TYR A 90 -41.59 -12.11 13.66
CA TYR A 90 -42.21 -11.45 14.80
C TYR A 90 -41.15 -11.01 15.79
N ASP A 91 -41.12 -9.70 16.07
CA ASP A 91 -40.30 -9.15 17.15
C ASP A 91 -41.07 -9.31 18.46
N VAL A 92 -40.49 -10.06 19.40
CA VAL A 92 -41.22 -10.38 20.62
C VAL A 92 -41.20 -9.20 21.60
N GLN A 93 -40.04 -8.56 21.77
CA GLN A 93 -39.94 -7.44 22.71
C GLN A 93 -40.83 -6.28 22.25
N LYS A 94 -40.72 -5.90 20.99
CA LYS A 94 -41.57 -4.85 20.43
C LYS A 94 -43.00 -5.30 20.18
N GLN A 95 -43.26 -6.62 20.21
CA GLN A 95 -44.60 -7.19 20.03
C GLN A 95 -45.21 -6.73 18.70
N GLN A 96 -44.43 -6.86 17.62
CA GLN A 96 -44.88 -6.47 16.30
C GLN A 96 -44.20 -7.35 15.26
N TYR A 97 -44.77 -7.37 14.07
CA TYR A 97 -44.22 -8.13 12.96
C TYR A 97 -43.16 -7.32 12.25
N LEU A 98 -41.98 -7.90 12.07
CA LEU A 98 -40.94 -7.29 11.25
C LEU A 98 -41.10 -7.64 9.78
N LEU A 99 -41.72 -8.78 9.47
CA LEU A 99 -42.01 -9.18 8.11
C LEU A 99 -43.37 -9.86 8.05
N ASN A 100 -44.09 -9.63 6.96
CA ASN A 100 -45.33 -10.33 6.67
C ASN A 100 -45.44 -10.38 5.14
N GLU A 101 -44.84 -11.42 4.56
CA GLU A 101 -44.62 -11.48 3.12
C GLU A 101 -45.14 -12.79 2.55
N LEU A 102 -45.48 -12.75 1.26
CA LEU A 102 -45.80 -13.93 0.48
C LEU A 102 -44.82 -14.00 -0.69
N LEU A 103 -44.26 -15.19 -0.91
CA LEU A 103 -43.34 -15.43 -2.01
C LEU A 103 -43.88 -16.56 -2.87
N ASN A 104 -44.06 -16.30 -4.15
CA ASN A 104 -44.52 -17.30 -5.10
C ASN A 104 -43.31 -18.08 -5.63
N VAL A 105 -43.37 -19.40 -5.50
CA VAL A 105 -42.26 -20.27 -5.86
C VAL A 105 -42.67 -21.10 -7.06
N PRO A 106 -41.92 -21.08 -8.15
CA PRO A 106 -42.31 -21.85 -9.33
C PRO A 106 -41.75 -23.28 -9.32
N ALA A 107 -42.52 -24.19 -8.72
CA ALA A 107 -42.29 -25.64 -8.75
C ALA A 107 -40.99 -25.96 -8.02
N SER A 108 -40.08 -26.74 -8.60
CA SER A 108 -38.89 -27.24 -7.92
C SER A 108 -37.80 -26.18 -7.78
N ARG A 109 -38.18 -24.99 -7.35
CA ARG A 109 -37.20 -23.95 -7.04
C ARG A 109 -37.25 -23.67 -5.55
N ILE A 110 -37.01 -24.71 -4.75
CA ILE A 110 -37.25 -24.67 -3.32
C ILE A 110 -36.06 -24.11 -2.55
N ARG A 111 -34.83 -24.48 -2.96
CA ARG A 111 -33.66 -23.96 -2.27
C ARG A 111 -33.49 -22.47 -2.45
N GLN A 112 -33.86 -21.94 -3.63
CA GLN A 112 -33.79 -20.49 -3.84
C GLN A 112 -34.85 -19.78 -3.02
N ALA A 113 -36.01 -20.41 -2.78
CA ALA A 113 -37.06 -19.77 -2.00
C ALA A 113 -36.66 -19.66 -0.53
N GLY A 114 -36.03 -20.70 0.02
CA GLY A 114 -35.57 -20.63 1.40
C GLY A 114 -34.49 -19.59 1.59
N HIS A 115 -33.60 -19.46 0.61
CA HIS A 115 -32.57 -18.43 0.69
C HIS A 115 -33.16 -17.03 0.58
N MET A 116 -34.26 -16.88 -0.17
CA MET A 116 -34.93 -15.59 -0.25
C MET A 116 -35.59 -15.23 1.07
N VAL A 117 -36.30 -16.18 1.67
CA VAL A 117 -36.92 -15.96 2.97
C VAL A 117 -35.86 -15.61 4.01
N SER A 118 -34.76 -16.36 4.02
CA SER A 118 -33.68 -16.07 4.97
C SER A 118 -33.02 -14.74 4.68
N ASP A 119 -32.92 -14.35 3.41
CA ASP A 119 -32.36 -13.04 3.08
C ASP A 119 -33.24 -11.91 3.63
N ALA A 120 -34.56 -12.10 3.60
CA ALA A 120 -35.46 -11.08 4.11
C ALA A 120 -35.42 -11.03 5.63
N ILE A 121 -35.29 -12.18 6.29
CA ILE A 121 -35.17 -12.21 7.75
C ILE A 121 -33.89 -11.52 8.19
N TYR A 122 -32.78 -11.79 7.50
CA TYR A 122 -31.51 -11.17 7.84
C TYR A 122 -31.58 -9.66 7.70
N GLN A 123 -32.16 -9.18 6.59
CA GLN A 123 -32.26 -7.74 6.37
C GLN A 123 -33.18 -7.07 7.38
N ALA A 124 -34.25 -7.76 7.79
CA ALA A 124 -35.17 -7.18 8.75
C ALA A 124 -34.58 -7.08 10.15
N LEU A 125 -33.54 -7.86 10.45
CA LEU A 125 -32.95 -7.88 11.78
C LEU A 125 -31.67 -7.06 11.87
N THR A 126 -30.94 -6.90 10.78
CA THR A 126 -29.68 -6.18 10.78
C THR A 126 -29.67 -4.94 9.89
N GLY A 127 -30.63 -4.80 8.97
CA GLY A 127 -30.58 -3.72 8.01
C GLY A 127 -29.58 -3.91 6.90
N ILE A 128 -29.03 -5.10 6.75
CA ILE A 128 -28.01 -5.39 5.74
C ILE A 128 -28.60 -6.44 4.79
N PRO A 129 -28.47 -6.27 3.48
CA PRO A 129 -29.00 -7.28 2.55
C PRO A 129 -28.40 -8.65 2.81
N GLY A 130 -29.27 -9.66 2.87
CA GLY A 130 -28.81 -11.02 3.06
C GLY A 130 -28.08 -11.54 1.84
N ASP A 131 -27.21 -12.52 2.07
CA ASP A 131 -26.39 -13.09 1.01
C ASP A 131 -26.54 -14.61 0.91
N PHE A 132 -27.62 -15.17 1.48
CA PHE A 132 -27.87 -16.60 1.30
C PHE A 132 -28.23 -16.90 -0.15
N SER A 133 -28.98 -16.01 -0.79
CA SER A 133 -29.12 -16.04 -2.23
C SER A 133 -27.85 -15.49 -2.87
N GLY A 134 -27.50 -16.05 -4.03
CA GLY A 134 -26.26 -15.71 -4.71
C GLY A 134 -25.44 -16.93 -5.03
N ARG A 135 -24.42 -16.70 -5.84
CA ARG A 135 -23.60 -17.79 -6.38
C ARG A 135 -22.12 -17.52 -6.12
N ILE A 136 -21.36 -18.60 -6.03
CA ILE A 136 -19.91 -18.55 -5.83
C ILE A 136 -19.27 -19.44 -6.88
N ALA A 137 -18.32 -18.88 -7.62
CA ALA A 137 -17.56 -19.64 -8.61
C ALA A 137 -16.27 -20.15 -8.00
N TYR A 138 -15.82 -21.32 -8.47
CA TYR A 138 -14.60 -21.94 -7.95
C TYR A 138 -14.08 -22.90 -8.99
N VAL A 139 -12.83 -23.32 -8.81
CA VAL A 139 -12.16 -24.25 -9.71
C VAL A 139 -11.74 -25.47 -8.90
N LEU A 140 -12.30 -26.62 -9.24
CA LEU A 140 -11.91 -27.89 -8.62
C LEU A 140 -10.72 -28.48 -9.35
N ARG A 141 -9.65 -28.76 -8.61
CA ARG A 141 -8.44 -29.35 -9.16
C ARG A 141 -8.29 -30.76 -8.63
N ASN A 142 -8.25 -31.74 -9.54
CA ASN A 142 -8.13 -33.15 -9.16
C ASN A 142 -7.19 -33.84 -10.15
N PRO A 143 -5.91 -33.99 -9.80
CA PRO A 143 -5.01 -34.77 -10.66
C PRO A 143 -5.35 -36.25 -10.68
N ALA A 144 -6.11 -36.74 -9.70
CA ALA A 144 -6.63 -38.10 -9.71
C ALA A 144 -7.81 -38.25 -10.65
N THR A 145 -8.06 -37.27 -11.51
CA THR A 145 -9.03 -37.38 -12.59
C THR A 145 -8.44 -36.63 -13.78
N PRO A 146 -7.54 -37.28 -14.53
CA PRO A 146 -6.83 -36.56 -15.60
C PRO A 146 -7.75 -36.03 -16.68
N ALA A 147 -8.91 -36.64 -16.88
CA ALA A 147 -9.85 -36.15 -17.89
C ALA A 147 -10.51 -34.84 -17.44
N GLU A 148 -10.84 -34.73 -16.16
CA GLU A 148 -11.36 -33.48 -15.62
C GLU A 148 -10.42 -32.95 -14.54
N ARG A 149 -9.17 -32.70 -14.92
CA ARG A 149 -8.19 -32.22 -13.94
C ARG A 149 -8.59 -30.88 -13.35
N TYR A 150 -9.18 -30.01 -14.17
CA TYR A 150 -9.68 -28.71 -13.73
C TYR A 150 -11.13 -28.58 -14.14
N THR A 151 -11.98 -28.16 -13.20
CA THR A 151 -13.40 -27.99 -13.45
C THR A 151 -13.85 -26.66 -12.87
N LEU A 152 -14.32 -25.77 -13.74
CA LEU A 152 -14.89 -24.49 -13.32
C LEU A 152 -16.35 -24.70 -12.99
N GLN A 153 -16.73 -24.41 -11.74
CA GLN A 153 -18.09 -24.63 -11.27
C GLN A 153 -18.63 -23.36 -10.62
N ILE A 154 -19.96 -23.24 -10.63
CA ILE A 154 -20.67 -22.18 -9.94
C ILE A 154 -21.75 -22.84 -9.10
N ALA A 155 -21.77 -22.53 -7.81
CA ALA A 155 -22.72 -23.12 -6.89
C ALA A 155 -23.31 -22.05 -5.99
N ASP A 156 -24.32 -22.43 -5.22
CA ASP A 156 -24.92 -21.52 -4.25
C ASP A 156 -23.94 -21.23 -3.12
N THR A 157 -24.32 -20.30 -2.25
CA THR A 157 -23.46 -19.90 -1.15
C THR A 157 -23.24 -21.02 -0.14
N ASP A 158 -24.08 -22.05 -0.17
CA ASP A 158 -23.90 -23.22 0.68
C ASP A 158 -23.30 -24.40 -0.07
N GLY A 159 -22.89 -24.20 -1.33
CA GLY A 159 -22.32 -25.25 -2.14
C GLY A 159 -23.32 -26.11 -2.89
N GLU A 160 -24.62 -25.94 -2.63
CA GLU A 160 -25.62 -26.77 -3.28
C GLU A 160 -25.91 -26.28 -4.68
N GLN A 161 -26.51 -27.17 -5.48
CA GLN A 161 -26.85 -26.89 -6.87
C GLN A 161 -25.64 -26.41 -7.68
N PRO A 162 -24.61 -27.23 -7.83
CA PRO A 162 -23.45 -26.81 -8.60
C PRO A 162 -23.72 -26.86 -10.09
N LYS A 163 -23.14 -25.90 -10.80
CA LYS A 163 -23.28 -25.79 -12.25
C LYS A 163 -21.89 -25.77 -12.87
N THR A 164 -21.56 -26.81 -13.64
CA THR A 164 -20.25 -26.90 -14.27
C THR A 164 -20.21 -25.97 -15.49
N VAL A 165 -19.31 -24.99 -15.45
CA VAL A 165 -19.16 -24.07 -16.57
C VAL A 165 -18.24 -24.66 -17.62
N LEU A 166 -17.17 -25.32 -17.21
CA LEU A 166 -16.20 -25.91 -18.11
C LEU A 166 -15.31 -26.87 -17.33
N SER A 167 -14.98 -28.00 -17.96
CA SER A 167 -14.02 -28.95 -17.42
C SER A 167 -12.96 -29.21 -18.48
N SER A 168 -11.73 -29.46 -18.02
CA SER A 168 -10.62 -29.62 -18.95
C SER A 168 -9.49 -30.38 -18.27
N ARG A 169 -8.67 -31.03 -19.10
CA ARG A 169 -7.44 -31.65 -18.65
C ARG A 169 -6.30 -30.66 -18.48
N ASP A 170 -6.56 -29.38 -18.66
CA ASP A 170 -5.57 -28.33 -18.64
C ASP A 170 -6.00 -27.25 -17.66
N PRO A 171 -5.05 -26.45 -17.15
CA PRO A 171 -5.38 -25.48 -16.09
C PRO A 171 -6.50 -24.52 -16.50
N ILE A 172 -7.43 -24.32 -15.57
CA ILE A 172 -8.43 -23.27 -15.64
C ILE A 172 -8.24 -22.39 -14.40
N LEU A 173 -7.96 -21.11 -14.61
CA LEU A 173 -7.54 -20.24 -13.53
C LEU A 173 -8.37 -18.96 -13.50
N SER A 174 -8.49 -18.40 -12.30
CA SER A 174 -8.99 -17.05 -12.03
C SER A 174 -10.38 -16.80 -12.61
N PRO A 175 -11.44 -17.39 -12.04
CA PRO A 175 -12.79 -17.00 -12.45
C PRO A 175 -13.12 -15.59 -11.95
N ALA A 176 -13.66 -14.77 -12.84
CA ALA A 176 -13.99 -13.39 -12.53
C ALA A 176 -15.42 -13.10 -12.97
N TRP A 177 -16.19 -12.48 -12.07
CA TRP A 177 -17.60 -12.23 -12.33
C TRP A 177 -17.79 -10.91 -13.05
N THR A 178 -18.64 -10.92 -14.08
CA THR A 178 -19.01 -9.68 -14.74
C THR A 178 -19.88 -8.84 -13.82
N PRO A 179 -19.84 -7.50 -13.96
CA PRO A 179 -20.51 -6.63 -12.97
C PRO A 179 -21.94 -7.01 -12.61
N ASP A 180 -22.75 -7.40 -13.59
CA ASP A 180 -24.13 -7.80 -13.30
C ASP A 180 -24.27 -9.31 -13.13
N ALA A 181 -23.16 -10.04 -13.01
CA ALA A 181 -23.13 -11.47 -12.74
C ALA A 181 -23.87 -12.29 -13.79
N LYS A 182 -24.04 -11.75 -15.00
CA LYS A 182 -24.66 -12.52 -16.08
C LYS A 182 -23.64 -13.36 -16.84
N LYS A 183 -22.38 -12.93 -16.88
CA LYS A 183 -21.33 -13.65 -17.57
C LYS A 183 -20.18 -13.90 -16.60
N ILE A 184 -19.37 -14.91 -16.91
CA ILE A 184 -18.19 -15.23 -16.14
C ILE A 184 -17.01 -15.36 -17.09
N ALA A 185 -15.84 -14.92 -16.63
CA ALA A 185 -14.61 -15.03 -17.38
C ALA A 185 -13.62 -15.91 -16.63
N TYR A 186 -12.66 -16.45 -17.38
CA TYR A 186 -11.69 -17.37 -16.81
C TYR A 186 -10.53 -17.50 -17.78
N VAL A 187 -9.40 -17.99 -17.25
CA VAL A 187 -8.22 -18.27 -18.04
C VAL A 187 -8.15 -19.77 -18.26
N SER A 188 -8.12 -20.19 -19.53
CA SER A 188 -8.13 -21.60 -19.88
C SER A 188 -6.89 -21.96 -20.68
N PHE A 189 -6.36 -23.15 -20.42
CA PHE A 189 -5.24 -23.70 -21.18
C PHE A 189 -5.64 -24.92 -22.00
N GLU A 190 -6.95 -25.10 -22.26
CA GLU A 190 -7.40 -26.24 -23.04
C GLU A 190 -6.68 -26.34 -24.38
N THR A 191 -6.34 -25.19 -24.96
CA THR A 191 -5.29 -25.10 -25.96
C THR A 191 -4.05 -24.54 -25.29
N LYS A 192 -2.88 -25.04 -25.70
CA LYS A 192 -1.60 -24.74 -25.06
C LYS A 192 -1.44 -23.26 -24.69
N ARG A 193 -1.81 -22.37 -25.60
CA ARG A 193 -1.67 -20.94 -25.35
C ARG A 193 -2.80 -20.46 -24.45
N PRO A 194 -2.50 -19.77 -23.35
CA PRO A 194 -3.57 -19.30 -22.46
C PRO A 194 -4.48 -18.30 -23.15
N ALA A 195 -5.75 -18.33 -22.75
CA ALA A 195 -6.77 -17.49 -23.35
C ALA A 195 -7.80 -17.12 -22.30
N ILE A 196 -8.18 -15.85 -22.28
CA ILE A 196 -9.25 -15.37 -21.40
C ILE A 196 -10.56 -15.48 -22.17
N TYR A 197 -11.46 -16.33 -21.68
CA TYR A 197 -12.76 -16.53 -22.28
C TYR A 197 -13.81 -15.74 -21.52
N LEU A 198 -14.90 -15.40 -22.21
CA LEU A 198 -16.04 -14.73 -21.60
C LEU A 198 -17.28 -15.57 -21.92
N GLN A 199 -17.87 -16.16 -20.88
CA GLN A 199 -18.93 -17.16 -21.04
C GLN A 199 -20.26 -16.57 -20.62
N ASP A 200 -21.22 -16.54 -21.55
CA ASP A 200 -22.59 -16.15 -21.23
C ASP A 200 -23.26 -17.27 -20.47
N LEU A 201 -23.66 -16.99 -19.22
CA LEU A 201 -24.26 -18.02 -18.38
C LEU A 201 -25.71 -18.32 -18.75
N SER A 202 -26.35 -17.48 -19.56
CA SER A 202 -27.74 -17.71 -19.96
C SER A 202 -27.81 -18.65 -21.15
N THR A 203 -27.24 -18.24 -22.30
CA THR A 203 -27.24 -19.07 -23.49
C THR A 203 -26.15 -20.13 -23.46
N GLY A 204 -25.11 -19.95 -22.65
CA GLY A 204 -23.99 -20.87 -22.62
C GLY A 204 -22.77 -20.34 -23.35
N THR A 205 -23.01 -19.71 -24.50
CA THR A 205 -21.97 -19.34 -25.44
C THR A 205 -20.80 -18.61 -24.78
N ARG A 206 -19.61 -18.78 -25.35
CA ARG A 206 -18.39 -18.13 -24.90
C ARG A 206 -17.77 -17.36 -26.05
N GLU A 207 -16.67 -16.65 -25.75
CA GLU A 207 -15.90 -15.94 -26.76
C GLU A 207 -14.52 -15.64 -26.20
N VAL A 208 -13.53 -15.64 -27.08
CA VAL A 208 -12.14 -15.37 -26.66
C VAL A 208 -11.97 -13.87 -26.51
N ILE A 209 -11.65 -13.44 -25.30
CA ILE A 209 -11.36 -12.03 -25.05
C ILE A 209 -9.96 -11.68 -25.51
N THR A 210 -8.96 -12.43 -25.05
CA THR A 210 -7.59 -12.24 -25.48
C THR A 210 -6.84 -13.57 -25.35
N SER A 211 -5.75 -13.69 -26.11
CA SER A 211 -4.95 -14.91 -26.12
C SER A 211 -3.61 -14.69 -26.80
N PHE A 212 -2.52 -14.81 -26.05
CA PHE A 212 -1.18 -14.71 -26.63
C PHE A 212 -0.20 -15.46 -25.73
N LYS A 213 1.09 -15.25 -25.97
CA LYS A 213 2.13 -16.06 -25.34
C LYS A 213 2.41 -15.64 -23.91
N GLY A 214 2.33 -14.34 -23.62
CA GLY A 214 2.68 -13.83 -22.31
C GLY A 214 1.52 -13.64 -21.36
N LEU A 215 0.33 -14.11 -21.70
CA LEU A 215 -0.84 -13.89 -20.87
C LEU A 215 -0.73 -14.67 -19.56
N ASN A 216 -0.70 -13.95 -18.44
CA ASN A 216 -0.76 -14.57 -17.12
C ASN A 216 -2.19 -14.80 -16.66
N GLY A 217 -3.08 -13.85 -16.93
CA GLY A 217 -4.48 -14.00 -16.59
C GLY A 217 -4.98 -13.01 -15.57
N ALA A 218 -5.67 -13.52 -14.54
CA ALA A 218 -6.26 -12.72 -13.47
C ALA A 218 -7.16 -11.63 -14.03
N PRO A 219 -8.29 -11.98 -14.64
CA PRO A 219 -9.17 -10.95 -15.19
C PRO A 219 -9.99 -10.25 -14.12
N SER A 220 -10.38 -9.02 -14.43
CA SER A 220 -11.23 -8.22 -13.55
C SER A 220 -11.95 -7.18 -14.41
N PHE A 221 -13.23 -7.00 -14.15
CA PHE A 221 -14.09 -6.22 -15.02
C PHE A 221 -14.44 -4.88 -14.40
N SER A 222 -14.51 -3.85 -15.25
CA SER A 222 -14.84 -2.52 -14.81
C SER A 222 -16.28 -2.46 -14.31
N PRO A 223 -16.57 -1.65 -13.28
CA PRO A 223 -17.96 -1.50 -12.83
C PRO A 223 -18.90 -1.01 -13.91
N ASP A 224 -18.41 -0.18 -14.85
CA ASP A 224 -19.25 0.32 -15.92
C ASP A 224 -19.50 -0.71 -17.02
N GLY A 225 -18.89 -1.90 -16.92
CA GLY A 225 -19.06 -2.92 -17.93
C GLY A 225 -18.42 -2.62 -19.26
N LYS A 226 -17.44 -1.71 -19.28
CA LYS A 226 -16.81 -1.29 -20.53
C LYS A 226 -15.36 -1.72 -20.67
N SER A 227 -14.70 -2.09 -19.58
CA SER A 227 -13.28 -2.39 -19.63
C SER A 227 -12.98 -3.62 -18.77
N MET A 228 -11.79 -4.20 -19.01
CA MET A 228 -11.33 -5.36 -18.27
C MET A 228 -9.82 -5.24 -18.05
N LEU A 229 -9.38 -5.52 -16.83
CA LEU A 229 -7.97 -5.58 -16.51
C LEU A 229 -7.49 -7.03 -16.54
N PHE A 230 -6.22 -7.22 -16.88
CA PHE A 230 -5.63 -8.55 -16.89
C PHE A 230 -4.12 -8.43 -16.77
N THR A 231 -3.49 -9.51 -16.33
CA THR A 231 -2.05 -9.58 -16.17
C THR A 231 -1.45 -10.34 -17.35
N ALA A 232 -0.32 -9.84 -17.84
CA ALA A 232 0.37 -10.47 -18.97
C ALA A 232 1.82 -10.00 -18.99
N SER A 233 2.70 -10.91 -19.36
CA SER A 233 4.14 -10.63 -19.46
C SER A 233 4.58 -10.98 -20.88
N MET A 234 4.50 -9.99 -21.78
CA MET A 234 4.97 -10.21 -23.15
C MET A 234 6.40 -10.73 -23.14
N ASN A 235 7.26 -10.06 -22.36
CA ASN A 235 8.62 -10.54 -22.16
C ASN A 235 8.98 -10.35 -20.69
N GLY A 236 9.46 -11.42 -20.07
CA GLY A 236 9.99 -11.34 -18.72
C GLY A 236 8.96 -11.32 -17.60
N ASN A 237 8.60 -10.13 -17.14
CA ASN A 237 7.89 -9.98 -15.88
C ASN A 237 6.44 -9.57 -16.09
N PRO A 238 5.53 -10.06 -15.24
CA PRO A 238 4.10 -9.76 -15.42
C PRO A 238 3.83 -8.27 -15.34
N GLU A 239 2.81 -7.83 -16.08
CA GLU A 239 2.41 -6.43 -16.12
C GLU A 239 0.88 -6.36 -16.19
N ILE A 240 0.34 -5.24 -15.74
CA ILE A 240 -1.11 -5.02 -15.74
C ILE A 240 -1.51 -4.32 -17.02
N TYR A 241 -2.54 -4.83 -17.68
CA TYR A 241 -3.09 -4.24 -18.90
C TYR A 241 -4.57 -3.97 -18.69
N GLN A 242 -5.07 -2.92 -19.34
CA GLN A 242 -6.49 -2.63 -19.38
C GLN A 242 -7.00 -2.81 -20.79
N MET A 243 -8.07 -3.59 -20.94
CA MET A 243 -8.70 -3.81 -22.23
C MET A 243 -9.98 -2.99 -22.34
N ASP A 244 -10.25 -2.51 -23.55
CA ASP A 244 -11.53 -1.90 -23.87
C ASP A 244 -12.36 -2.93 -24.62
N LEU A 245 -13.53 -3.25 -24.08
CA LEU A 245 -14.30 -4.40 -24.60
C LEU A 245 -14.79 -4.18 -26.01
N SER A 246 -15.03 -2.92 -26.41
CA SER A 246 -15.65 -2.66 -27.71
C SER A 246 -14.72 -3.01 -28.85
N THR A 247 -13.45 -2.58 -28.77
CA THR A 247 -12.51 -2.74 -29.87
C THR A 247 -11.34 -3.68 -29.53
N ARG A 248 -11.31 -4.27 -28.33
CA ARG A 248 -10.24 -5.19 -27.91
C ARG A 248 -8.90 -4.49 -27.87
N GLN A 249 -9.01 -3.19 -27.69
CA GLN A 249 -7.88 -2.30 -27.51
C GLN A 249 -7.10 -2.53 -26.22
N VAL A 250 -5.86 -3.04 -26.31
CA VAL A 250 -5.05 -3.31 -25.13
C VAL A 250 -3.88 -2.33 -25.05
N LYS A 251 -3.65 -1.78 -23.86
CA LYS A 251 -2.48 -0.94 -23.61
C LYS A 251 -2.16 -0.98 -22.12
N ARG A 252 -0.86 -0.95 -21.81
CA ARG A 252 -0.35 -1.32 -20.49
C ARG A 252 -0.39 -0.16 -19.52
N MET A 253 -0.29 -0.51 -18.23
CA MET A 253 -0.42 0.47 -17.16
C MET A 253 0.74 0.48 -16.17
N THR A 254 0.97 -0.61 -15.44
CA THR A 254 1.97 -0.50 -14.39
C THR A 254 3.16 -1.43 -14.16
N ASN A 255 2.94 -2.41 -13.29
CA ASN A 255 4.04 -3.23 -12.78
C ASN A 255 5.01 -4.19 -13.44
N ASP A 256 6.25 -3.73 -13.60
CA ASP A 256 7.29 -4.64 -14.05
C ASP A 256 8.21 -4.91 -12.87
N SER A 257 7.68 -5.58 -11.84
CA SER A 257 8.33 -5.63 -10.54
C SER A 257 8.92 -6.97 -10.16
N GLY A 258 8.83 -7.99 -11.01
CA GLY A 258 9.49 -9.24 -10.75
C GLY A 258 8.68 -10.27 -10.00
N ILE A 259 7.43 -9.98 -9.66
CA ILE A 259 6.52 -10.96 -9.06
C ILE A 259 5.23 -10.95 -9.86
N ASP A 260 4.42 -11.99 -9.65
CA ASP A 260 3.12 -12.08 -10.31
C ASP A 260 2.12 -11.18 -9.60
N THR A 261 1.34 -10.45 -10.38
CA THR A 261 0.42 -9.46 -9.85
C THR A 261 -0.98 -9.66 -10.43
N GLU A 262 -1.96 -9.06 -9.76
CA GLU A 262 -3.35 -9.10 -10.18
C GLU A 262 -3.97 -7.74 -9.90
N ALA A 263 -4.77 -7.24 -10.86
CA ALA A 263 -5.41 -5.94 -10.74
C ALA A 263 -6.91 -6.13 -10.50
N ARG A 264 -7.46 -5.32 -9.59
CA ARG A 264 -8.86 -5.39 -9.22
C ARG A 264 -9.43 -3.98 -9.18
N TYR A 265 -10.50 -3.74 -9.94
CA TYR A 265 -11.11 -2.41 -10.00
C TYR A 265 -11.70 -2.02 -8.65
N THR A 266 -11.62 -0.73 -8.34
CA THR A 266 -12.40 -0.21 -7.23
C THR A 266 -13.86 -0.06 -7.67
N PRO A 267 -14.82 -0.33 -6.77
CA PRO A 267 -16.23 -0.33 -7.19
C PRO A 267 -16.73 1.03 -7.67
N ASP A 268 -16.00 2.12 -7.43
CA ASP A 268 -16.40 3.43 -7.91
C ASP A 268 -15.88 3.73 -9.31
N GLY A 269 -15.10 2.82 -9.90
CA GLY A 269 -14.54 3.04 -11.23
C GLY A 269 -13.44 4.06 -11.30
N LYS A 270 -13.02 4.64 -10.17
CA LYS A 270 -11.99 5.67 -10.19
C LYS A 270 -10.58 5.10 -10.26
N ALA A 271 -10.37 3.86 -9.85
CA ALA A 271 -9.03 3.33 -9.69
C ALA A 271 -9.09 1.81 -9.69
N PHE A 272 -7.92 1.20 -9.54
CA PHE A 272 -7.80 -0.23 -9.28
C PHE A 272 -6.60 -0.47 -8.37
N ILE A 273 -6.64 -1.59 -7.67
CA ILE A 273 -5.56 -1.97 -6.77
C ILE A 273 -4.81 -3.15 -7.37
N PHE A 274 -3.56 -3.33 -6.92
CA PHE A 274 -2.71 -4.37 -7.48
C PHE A 274 -1.55 -4.62 -6.53
N THR A 275 -0.92 -5.78 -6.69
CA THR A 275 0.25 -6.17 -5.90
C THR A 275 1.50 -5.76 -6.64
N SER A 276 2.52 -5.34 -5.88
CA SER A 276 3.72 -4.79 -6.48
C SER A 276 4.93 -5.10 -5.60
N ASP A 277 6.06 -5.41 -6.25
CA ASP A 277 7.34 -5.60 -5.56
C ASP A 277 8.30 -4.46 -5.83
N ARG A 278 7.81 -3.32 -6.31
CA ARG A 278 8.68 -2.21 -6.68
C ARG A 278 9.39 -1.60 -5.47
N GLY A 279 8.90 -1.85 -4.26
CA GLY A 279 9.54 -1.38 -3.05
C GLY A 279 10.44 -2.37 -2.37
N GLY A 280 10.66 -3.55 -2.96
CA GLY A 280 11.47 -4.59 -2.37
C GLY A 280 10.68 -5.65 -1.64
N SER A 281 9.37 -5.47 -1.49
CA SER A 281 8.51 -6.43 -0.83
C SER A 281 7.12 -6.32 -1.42
N PRO A 282 6.37 -7.42 -1.51
CA PRO A 282 5.02 -7.37 -2.10
C PRO A 282 4.08 -6.51 -1.25
N GLN A 283 3.58 -5.44 -1.86
CA GLN A 283 2.63 -4.55 -1.21
C GLN A 283 1.47 -4.29 -2.16
N ILE A 284 0.38 -3.76 -1.62
CA ILE A 284 -0.82 -3.45 -2.39
C ILE A 284 -0.80 -1.94 -2.68
N TYR A 285 -0.83 -1.60 -3.97
CA TYR A 285 -0.83 -0.22 -4.42
C TYR A 285 -2.15 0.11 -5.11
N ARG A 286 -2.38 1.41 -5.29
CA ARG A 286 -3.60 1.90 -5.92
C ARG A 286 -3.22 2.79 -7.09
N TYR A 287 -3.65 2.39 -8.29
CA TYR A 287 -3.42 3.18 -9.51
C TYR A 287 -4.66 4.03 -9.78
N ASP A 288 -4.46 5.34 -9.83
CA ASP A 288 -5.56 6.28 -10.08
C ASP A 288 -5.72 6.47 -11.59
N PHE A 289 -6.92 6.21 -12.10
CA PHE A 289 -7.18 6.42 -13.52
C PHE A 289 -7.10 7.89 -13.91
N GLY A 290 -7.48 8.79 -12.99
CA GLY A 290 -7.52 10.21 -13.28
C GLY A 290 -6.20 10.83 -13.67
N ASN A 291 -5.19 10.70 -12.82
CA ASN A 291 -3.88 11.29 -13.06
C ASN A 291 -2.79 10.27 -13.34
N GLY A 292 -3.11 8.98 -13.32
CA GLY A 292 -2.12 7.96 -13.58
C GLY A 292 -1.14 7.72 -12.46
N SER A 293 -1.44 8.19 -11.25
CA SER A 293 -0.51 8.03 -10.14
C SER A 293 -0.68 6.65 -9.50
N VAL A 294 0.37 6.22 -8.81
CA VAL A 294 0.37 4.98 -8.05
C VAL A 294 0.64 5.32 -6.59
N LYS A 295 -0.17 4.79 -5.68
CA LYS A 295 -0.07 5.08 -4.26
C LYS A 295 -0.12 3.79 -3.47
N ARG A 296 0.75 3.68 -2.46
CA ARG A 296 0.76 2.52 -1.60
C ARG A 296 -0.39 2.57 -0.60
N LEU A 297 -1.07 1.44 -0.43
CA LEU A 297 -2.19 1.33 0.48
C LEU A 297 -1.86 0.57 1.75
N THR A 298 -1.04 -0.48 1.66
CA THR A 298 -0.72 -1.32 2.80
C THR A 298 0.69 -1.01 3.29
N PHE A 299 0.80 -0.73 4.59
CA PHE A 299 2.07 -0.40 5.21
C PHE A 299 2.48 -1.33 6.34
N LYS A 300 1.57 -2.19 6.81
CA LYS A 300 1.88 -3.10 7.92
C LYS A 300 2.45 -4.40 7.38
N GLY A 301 3.56 -4.85 7.97
CA GLY A 301 4.13 -6.13 7.62
C GLY A 301 5.04 -6.07 6.40
N SER A 302 5.64 -7.22 6.10
CA SER A 302 6.54 -7.39 4.98
C SER A 302 5.88 -8.00 3.76
N PHE A 303 4.59 -8.30 3.83
CA PHE A 303 3.90 -8.98 2.73
C PHE A 303 2.43 -8.64 2.78
N ASN A 304 1.94 -7.94 1.76
CA ASN A 304 0.52 -7.68 1.58
C ASN A 304 0.23 -7.81 0.09
N ALA A 305 -0.67 -8.71 -0.27
CA ALA A 305 -0.89 -9.02 -1.68
C ALA A 305 -2.28 -9.60 -1.87
N ARG A 306 -2.66 -9.72 -3.15
CA ARG A 306 -3.91 -10.36 -3.55
C ARG A 306 -5.11 -9.66 -2.91
N GLY A 307 -5.15 -8.34 -3.03
CA GLY A 307 -6.24 -7.57 -2.45
C GLY A 307 -7.47 -7.56 -3.34
N THR A 308 -8.63 -7.50 -2.69
CA THR A 308 -9.90 -7.36 -3.38
C THR A 308 -10.75 -6.36 -2.62
N LEU A 309 -11.66 -5.71 -3.35
CA LEU A 309 -12.45 -4.61 -2.82
C LEU A 309 -13.84 -5.09 -2.40
N SER A 310 -14.31 -4.55 -1.28
CA SER A 310 -15.70 -4.75 -0.91
C SER A 310 -16.61 -3.92 -1.81
N ALA A 311 -17.84 -4.39 -1.97
CA ALA A 311 -18.79 -3.71 -2.86
C ALA A 311 -19.03 -2.27 -2.42
N ASP A 312 -19.05 -2.03 -1.10
CA ASP A 312 -19.21 -0.67 -0.60
C ASP A 312 -17.99 0.20 -0.90
N GLY A 313 -16.82 -0.41 -1.00
CA GLY A 313 -15.61 0.32 -1.32
C GLY A 313 -14.83 0.84 -0.14
N LYS A 314 -15.10 0.35 1.06
CA LYS A 314 -14.40 0.80 2.26
C LYS A 314 -13.52 -0.28 2.88
N LYS A 315 -13.47 -1.48 2.32
CA LYS A 315 -12.72 -2.58 2.89
C LYS A 315 -11.88 -3.27 1.82
N ILE A 316 -10.81 -3.90 2.26
CA ILE A 316 -9.90 -4.66 1.39
C ILE A 316 -9.64 -6.01 2.06
N ALA A 317 -9.98 -7.09 1.35
CA ALA A 317 -9.58 -8.43 1.76
C ALA A 317 -8.30 -8.80 1.01
N LEU A 318 -7.29 -9.23 1.76
CA LEU A 318 -5.97 -9.44 1.18
C LEU A 318 -5.29 -10.61 1.87
N VAL A 319 -4.12 -10.98 1.34
CA VAL A 319 -3.26 -11.98 1.94
C VAL A 319 -2.14 -11.24 2.67
N HIS A 320 -2.04 -11.46 3.97
CA HIS A 320 -1.11 -10.76 4.84
C HIS A 320 -0.15 -11.75 5.48
N ARG A 321 1.13 -11.44 5.46
CA ARG A 321 2.17 -12.33 5.99
C ARG A 321 3.12 -11.54 6.87
N PRO A 322 2.89 -11.55 8.19
CA PRO A 322 3.93 -11.06 9.11
C PRO A 322 5.16 -11.94 8.99
N SER A 323 6.32 -11.31 8.86
CA SER A 323 7.56 -12.02 8.53
C SER A 323 7.85 -13.17 9.48
N GLY A 324 7.28 -13.16 10.68
CA GLY A 324 7.48 -14.25 11.61
C GLY A 324 6.66 -15.48 11.26
N SER A 325 5.40 -15.29 10.89
CA SER A 325 4.48 -16.38 10.64
C SER A 325 4.16 -16.47 9.14
N ASN A 326 3.09 -17.19 8.80
CA ASN A 326 2.74 -17.50 7.42
C ASN A 326 1.56 -16.65 6.96
N TYR A 327 0.90 -17.09 5.88
CA TYR A 327 -0.12 -16.29 5.22
C TYR A 327 -1.35 -16.15 6.11
N LYS A 328 -1.92 -14.95 6.11
CA LYS A 328 -3.16 -14.68 6.83
C LYS A 328 -4.12 -13.94 5.91
N VAL A 329 -5.40 -14.25 6.04
CA VAL A 329 -6.45 -13.45 5.43
C VAL A 329 -6.69 -12.24 6.33
N ALA A 330 -6.55 -11.04 5.77
CA ALA A 330 -6.66 -9.82 6.54
C ALA A 330 -7.63 -8.86 5.89
N ILE A 331 -8.18 -7.96 6.71
CA ILE A 331 -9.12 -6.94 6.27
C ILE A 331 -8.57 -5.58 6.69
N GLN A 332 -8.34 -4.71 5.71
CA GLN A 332 -7.90 -3.35 5.97
C GLN A 332 -9.01 -2.37 5.63
N ASP A 333 -9.29 -1.46 6.55
CA ASP A 333 -10.24 -0.38 6.29
C ASP A 333 -9.56 0.69 5.44
N ILE A 334 -10.23 1.07 4.35
CA ILE A 334 -9.62 2.04 3.44
C ILE A 334 -9.61 3.43 4.06
N ASN A 335 -10.67 3.79 4.78
CA ASN A 335 -10.76 5.14 5.36
C ASN A 335 -9.70 5.36 6.42
N THR A 336 -9.44 4.35 7.25
CA THR A 336 -8.57 4.52 8.41
C THR A 336 -7.25 3.78 8.32
N GLY A 337 -7.14 2.77 7.46
CA GLY A 337 -5.91 2.01 7.35
C GLY A 337 -5.74 0.93 8.39
N ILE A 338 -6.74 0.69 9.24
CA ILE A 338 -6.63 -0.33 10.28
C ILE A 338 -6.69 -1.71 9.64
N VAL A 339 -5.65 -2.51 9.87
CA VAL A 339 -5.55 -3.86 9.31
C VAL A 339 -6.06 -4.84 10.34
N ASN A 340 -7.04 -5.65 9.94
CA ASN A 340 -7.64 -6.66 10.81
C ASN A 340 -7.27 -8.04 10.27
N ILE A 341 -6.49 -8.78 11.04
CA ILE A 341 -6.13 -10.16 10.67
C ILE A 341 -7.32 -11.05 11.00
N LEU A 342 -7.82 -11.77 10.00
CA LEU A 342 -9.02 -12.59 10.15
C LEU A 342 -8.69 -14.03 10.55
N THR A 343 -7.77 -14.66 9.83
CA THR A 343 -7.50 -16.08 10.01
C THR A 343 -6.22 -16.47 9.29
N PRO A 344 -5.52 -17.52 9.73
CA PRO A 344 -4.43 -18.07 8.92
C PRO A 344 -4.98 -18.77 7.69
N THR A 345 -4.14 -18.85 6.66
CA THR A 345 -4.51 -19.50 5.42
C THR A 345 -3.29 -20.21 4.84
N SER A 346 -3.54 -21.25 4.05
CA SER A 346 -2.48 -22.08 3.50
C SER A 346 -2.11 -21.71 2.07
N LEU A 347 -2.84 -20.80 1.44
CA LEU A 347 -2.65 -20.50 0.02
C LEU A 347 -2.50 -18.99 -0.17
N ASP A 348 -1.47 -18.60 -0.91
CA ASP A 348 -1.27 -17.21 -1.32
C ASP A 348 -2.21 -16.96 -2.50
N GLU A 349 -3.48 -16.74 -2.18
CA GLU A 349 -4.53 -16.67 -3.19
C GLU A 349 -5.54 -15.60 -2.77
N SER A 350 -6.17 -14.98 -3.78
CA SER A 350 -7.04 -13.85 -3.52
C SER A 350 -8.31 -14.29 -2.79
N PRO A 351 -8.73 -13.58 -1.76
CA PRO A 351 -10.06 -13.81 -1.18
C PRO A 351 -11.12 -13.11 -2.01
N SER A 352 -12.36 -13.22 -1.55
CA SER A 352 -13.48 -12.61 -2.28
C SER A 352 -14.54 -12.18 -1.29
N PHE A 353 -14.93 -10.90 -1.37
CA PHE A 353 -15.96 -10.35 -0.50
C PHE A 353 -17.35 -10.79 -0.94
N SER A 354 -18.22 -11.00 0.04
CA SER A 354 -19.62 -11.19 -0.26
C SER A 354 -20.28 -9.85 -0.60
N PRO A 355 -21.36 -9.85 -1.38
CA PRO A 355 -21.99 -8.57 -1.77
C PRO A 355 -22.31 -7.65 -0.62
N ASN A 356 -22.67 -8.18 0.55
CA ASN A 356 -23.00 -7.33 1.69
C ASN A 356 -21.76 -6.93 2.50
N GLY A 357 -20.58 -7.44 2.15
CA GLY A 357 -19.37 -7.09 2.86
C GLY A 357 -19.25 -7.67 4.25
N GLN A 358 -20.18 -8.53 4.66
CA GLN A 358 -20.11 -9.16 5.97
C GLN A 358 -19.40 -10.50 5.95
N MET A 359 -19.26 -11.12 4.78
CA MET A 359 -18.62 -12.41 4.63
C MET A 359 -17.43 -12.30 3.67
N VAL A 360 -16.58 -13.31 3.71
CA VAL A 360 -15.44 -13.39 2.79
C VAL A 360 -15.12 -14.87 2.57
N VAL A 361 -14.87 -15.23 1.31
CA VAL A 361 -14.54 -16.60 0.95
C VAL A 361 -13.09 -16.63 0.49
N TYR A 362 -12.42 -17.74 0.79
CA TYR A 362 -11.02 -17.93 0.42
C TYR A 362 -10.72 -19.42 0.37
N ALA A 363 -9.64 -19.75 -0.31
CA ALA A 363 -9.20 -21.13 -0.46
C ALA A 363 -8.06 -21.42 0.51
N THR A 364 -8.16 -22.53 1.23
CA THR A 364 -7.15 -22.93 2.20
C THR A 364 -7.12 -24.44 2.27
N ARG A 365 -6.33 -24.97 3.21
CA ARG A 365 -6.20 -26.41 3.40
C ARG A 365 -6.27 -26.73 4.87
N GLU A 366 -7.15 -27.66 5.24
CA GLU A 366 -7.30 -28.13 6.62
C GLU A 366 -7.19 -29.65 6.61
N GLY A 367 -6.25 -30.18 7.38
CA GLY A 367 -5.97 -31.60 7.30
C GLY A 367 -5.38 -31.92 5.94
N ASN A 368 -5.90 -32.96 5.30
CA ASN A 368 -5.49 -33.32 3.95
C ASN A 368 -6.45 -32.79 2.90
N ARG A 369 -7.41 -31.96 3.29
CA ARG A 369 -8.47 -31.50 2.41
C ARG A 369 -8.16 -30.11 1.88
N GLY A 370 -8.33 -29.93 0.57
CA GLY A 370 -8.34 -28.61 -0.01
C GLY A 370 -9.76 -28.08 -0.08
N LEU A 371 -10.03 -26.97 0.59
CA LEU A 371 -11.41 -26.56 0.82
C LEU A 371 -11.54 -25.04 0.65
N LEU A 372 -12.79 -24.61 0.54
CA LEU A 372 -13.15 -23.20 0.62
C LEU A 372 -13.63 -22.89 2.04
N SER A 373 -13.28 -21.72 2.53
CA SER A 373 -13.73 -21.26 3.83
C SER A 373 -14.41 -19.91 3.70
N ILE A 374 -15.54 -19.75 4.39
CA ILE A 374 -16.27 -18.50 4.43
C ILE A 374 -16.25 -17.99 5.86
N MET A 375 -15.77 -16.76 6.04
CA MET A 375 -15.63 -16.17 7.36
C MET A 375 -16.34 -14.83 7.42
N SER A 376 -16.95 -14.54 8.56
CA SER A 376 -17.46 -13.21 8.80
C SER A 376 -16.29 -12.23 8.96
N THR A 377 -16.50 -11.00 8.50
CA THR A 377 -15.41 -10.03 8.49
C THR A 377 -14.99 -9.59 9.89
N ASP A 378 -15.81 -9.86 10.91
CA ASP A 378 -15.44 -9.53 12.28
C ASP A 378 -14.66 -10.65 12.97
N GLY A 379 -14.65 -11.84 12.41
CA GLY A 379 -13.77 -12.89 12.87
C GLY A 379 -14.34 -13.90 13.85
N ARG A 380 -15.68 -14.05 13.91
CA ARG A 380 -16.29 -14.99 14.84
C ARG A 380 -16.99 -16.16 14.17
N PHE A 381 -17.25 -16.09 12.87
CA PHE A 381 -17.98 -17.12 12.16
C PHE A 381 -17.07 -17.74 11.11
N ARG A 382 -16.91 -19.06 11.18
CA ARG A 382 -16.22 -19.80 10.14
C ARG A 382 -17.15 -20.82 9.52
N MET A 383 -17.09 -20.90 8.19
CA MET A 383 -17.93 -21.79 7.40
C MET A 383 -17.02 -22.50 6.41
N ASN A 384 -17.10 -23.83 6.36
CA ASN A 384 -16.21 -24.63 5.54
C ASN A 384 -16.97 -25.27 4.39
N LEU A 385 -16.37 -25.20 3.19
CA LEU A 385 -16.89 -25.82 1.99
C LEU A 385 -15.87 -26.81 1.45
N PRO A 386 -15.70 -27.96 2.10
CA PRO A 386 -14.72 -28.94 1.63
C PRO A 386 -15.21 -29.69 0.41
N SER A 387 -14.24 -30.19 -0.35
CA SER A 387 -14.51 -31.07 -1.47
C SER A 387 -14.38 -32.53 -1.02
N GLU A 388 -15.07 -33.41 -1.75
CA GLU A 388 -14.93 -34.84 -1.48
C GLU A 388 -13.57 -35.36 -1.91
N GLN A 389 -13.00 -34.77 -2.97
CA GLN A 389 -11.69 -35.16 -3.44
CA GLN A 389 -11.70 -35.18 -3.47
C GLN A 389 -11.05 -33.99 -4.16
N GLY A 390 -9.73 -33.91 -4.07
CA GLY A 390 -9.02 -32.81 -4.69
C GLY A 390 -9.05 -31.55 -3.83
N GLU A 391 -8.79 -30.41 -4.47
CA GLU A 391 -8.76 -29.13 -3.79
C GLU A 391 -9.64 -28.13 -4.54
N VAL A 392 -10.10 -27.13 -3.79
CA VAL A 392 -10.91 -26.03 -4.33
C VAL A 392 -10.07 -24.77 -4.27
N ARG A 393 -10.02 -24.05 -5.40
CA ARG A 393 -9.14 -22.90 -5.52
C ARG A 393 -9.87 -21.74 -6.20
N GLU A 394 -9.37 -20.53 -5.92
CA GLU A 394 -9.74 -19.29 -6.58
C GLU A 394 -11.25 -19.04 -6.56
N PRO A 395 -11.85 -18.82 -5.40
CA PRO A 395 -13.28 -18.51 -5.37
C PRO A 395 -13.56 -17.07 -5.78
N ALA A 396 -14.78 -16.84 -6.24
CA ALA A 396 -15.22 -15.52 -6.65
C ALA A 396 -16.71 -15.39 -6.36
N TRP A 397 -17.05 -14.62 -5.33
CA TRP A 397 -18.44 -14.41 -4.98
C TRP A 397 -19.11 -13.50 -6.01
N ALA A 398 -20.25 -13.95 -6.54
CA ALA A 398 -20.96 -13.18 -7.53
C ALA A 398 -21.50 -11.89 -6.91
N PRO A 399 -21.36 -10.76 -7.59
CA PRO A 399 -21.80 -9.49 -7.03
C PRO A 399 -23.32 -9.33 -7.10
N LYS A 400 -23.80 -8.21 -6.58
CA LYS A 400 -25.22 -7.91 -6.59
C LYS A 400 -25.48 -6.61 -7.36
N GLN B 2 6.42 6.05 11.96
CA GLN B 2 5.87 7.40 11.84
C GLN B 2 5.88 7.86 10.39
N LEU B 3 7.03 7.76 9.75
CA LEU B 3 7.20 8.10 8.35
C LEU B 3 7.37 6.81 7.55
N HIS B 4 6.50 6.60 6.57
CA HIS B 4 6.46 5.37 5.80
C HIS B 4 7.17 5.57 4.46
N LEU B 5 7.47 4.45 3.81
CA LEU B 5 8.13 4.45 2.51
C LEU B 5 7.13 4.10 1.43
N GLU B 6 7.32 4.71 0.25
CA GLU B 6 6.41 4.48 -0.88
C GLU B 6 7.14 4.84 -2.17
N ILE B 7 7.36 3.84 -3.02
CA ILE B 7 7.95 4.06 -4.34
C ILE B 7 6.84 4.53 -5.26
N ALA B 8 6.81 5.82 -5.56
CA ALA B 8 5.76 6.38 -6.41
C ALA B 8 6.10 6.31 -7.89
N LYS B 9 7.38 6.25 -8.25
CA LYS B 9 7.78 6.17 -9.65
C LYS B 9 9.10 5.41 -9.73
N ALA B 10 9.05 4.21 -10.31
CA ALA B 10 10.25 3.41 -10.49
C ALA B 10 11.04 3.91 -11.69
N PRO B 11 12.37 3.75 -11.67
CA PRO B 11 13.16 4.13 -12.85
C PRO B 11 12.79 3.25 -14.04
N ASP B 12 12.57 3.89 -15.19
CA ASP B 12 12.05 3.20 -16.36
C ASP B 12 12.96 2.04 -16.77
N GLN B 13 14.18 2.35 -17.19
CA GLN B 13 15.14 1.33 -17.64
C GLN B 13 16.32 1.32 -16.67
N ALA B 14 16.16 0.58 -15.58
CA ALA B 14 17.23 0.44 -14.61
C ALA B 14 17.79 -0.98 -14.63
N PRO B 15 19.10 -1.15 -14.51
CA PRO B 15 19.66 -2.50 -14.41
C PRO B 15 19.13 -3.22 -13.17
N LYS B 16 18.90 -4.51 -13.32
CA LYS B 16 18.34 -5.32 -12.25
C LYS B 16 19.45 -5.96 -11.43
N ILE B 17 19.27 -5.99 -10.12
CA ILE B 17 20.20 -6.64 -9.21
C ILE B 17 19.43 -7.76 -8.50
N ALA B 18 19.74 -8.99 -8.86
CA ALA B 18 19.14 -10.14 -8.18
C ALA B 18 19.84 -10.38 -6.86
N ILE B 19 19.06 -10.55 -5.79
CA ILE B 19 19.59 -10.86 -4.47
C ILE B 19 19.14 -12.26 -4.10
N VAL B 20 20.09 -13.18 -4.00
CA VAL B 20 19.74 -14.51 -3.50
C VAL B 20 19.52 -14.42 -1.98
N PRO B 21 18.39 -14.92 -1.47
CA PRO B 21 18.16 -14.89 -0.02
C PRO B 21 19.36 -15.42 0.74
N PHE B 22 19.81 -14.64 1.73
CA PHE B 22 21.08 -14.92 2.38
C PHE B 22 21.02 -16.24 3.14
N ASN B 23 22.19 -16.88 3.26
CA ASN B 23 22.25 -18.28 3.66
C ASN B 23 21.74 -18.51 5.09
N ASN B 24 21.89 -17.53 5.96
CA ASN B 24 21.44 -17.65 7.34
C ASN B 24 20.79 -16.34 7.79
N ASP B 25 19.91 -15.83 6.94
CA ASP B 25 19.41 -14.47 7.08
C ASP B 25 18.76 -14.24 8.45
N ASN B 26 19.16 -13.14 9.09
CA ASN B 26 18.51 -12.64 10.29
C ASN B 26 17.61 -11.44 9.99
N GLY B 27 17.27 -11.24 8.71
CA GLY B 27 16.52 -10.08 8.27
C GLY B 27 17.34 -9.10 7.45
N LEU B 28 18.61 -9.38 7.17
CA LEU B 28 19.49 -8.41 6.53
C LEU B 28 19.10 -8.19 5.07
N TYR B 29 19.01 -9.27 4.29
CA TYR B 29 18.80 -9.12 2.85
C TYR B 29 17.51 -8.41 2.48
N PRO B 30 16.39 -8.50 3.23
CA PRO B 30 15.23 -7.67 2.86
C PRO B 30 15.48 -6.18 2.93
N ILE B 31 16.35 -5.72 3.84
CA ILE B 31 16.66 -4.29 3.88
C ILE B 31 17.49 -3.89 2.65
N VAL B 32 18.43 -4.75 2.25
CA VAL B 32 19.24 -4.46 1.07
C VAL B 32 18.36 -4.42 -0.18
N GLU B 33 17.39 -5.33 -0.26
CA GLU B 33 16.47 -5.32 -1.39
C GLU B 33 15.64 -4.04 -1.43
N THR B 34 15.21 -3.57 -0.26
CA THR B 34 14.43 -2.34 -0.20
C THR B 34 15.28 -1.12 -0.55
N ASP B 35 16.52 -1.08 -0.06
CA ASP B 35 17.39 0.05 -0.36
C ASP B 35 17.69 0.14 -1.85
N LEU B 36 18.01 -0.99 -2.48
CA LEU B 36 18.34 -0.97 -3.90
C LEU B 36 17.11 -0.63 -4.75
N ASN B 37 15.91 -0.91 -4.24
CA ASN B 37 14.70 -0.53 -4.95
C ASN B 37 14.30 0.91 -4.72
N ARG B 38 15.08 1.66 -3.93
CA ARG B 38 14.91 3.11 -3.78
C ARG B 38 16.21 3.83 -4.12
N SER B 39 16.99 3.25 -5.03
CA SER B 39 18.30 3.79 -5.41
C SER B 39 18.23 4.75 -6.60
N GLY B 40 17.11 4.79 -7.31
CA GLY B 40 16.96 5.70 -8.43
C GLY B 40 17.55 5.20 -9.72
N ARG B 41 18.63 4.42 -9.63
CA ARG B 41 19.30 3.88 -10.81
C ARG B 41 19.16 2.38 -10.97
N PHE B 42 18.61 1.69 -9.98
CA PHE B 42 18.56 0.23 -10.00
C PHE B 42 17.24 -0.26 -9.43
N THR B 43 16.87 -1.46 -9.85
CA THR B 43 15.79 -2.23 -9.25
C THR B 43 16.36 -3.55 -8.73
N SER B 44 15.69 -4.13 -7.75
CA SER B 44 16.19 -5.34 -7.11
C SER B 44 15.03 -6.27 -6.79
N SER B 45 15.31 -7.57 -6.85
CA SER B 45 14.32 -8.59 -6.53
C SER B 45 15.04 -9.82 -5.99
N SER B 46 14.40 -10.47 -5.02
CA SER B 46 14.87 -11.73 -4.46
C SER B 46 13.96 -12.90 -4.79
N LYS B 47 12.95 -12.67 -5.62
CA LYS B 47 11.91 -13.65 -5.91
C LYS B 47 11.98 -14.09 -7.36
N ASN B 48 11.46 -15.30 -7.62
CA ASN B 48 11.46 -15.91 -8.95
C ASN B 48 12.87 -15.94 -9.54
N LEU B 49 13.81 -16.42 -8.73
CA LEU B 49 15.21 -16.44 -9.15
C LEU B 49 15.40 -17.47 -10.26
N PRO B 50 15.95 -17.08 -11.41
CA PRO B 50 16.13 -18.02 -12.52
C PRO B 50 17.30 -18.99 -12.34
N ALA B 51 18.08 -18.84 -11.28
CA ALA B 51 19.23 -19.71 -11.04
C ALA B 51 19.51 -19.74 -9.55
N ASN B 52 20.58 -20.45 -9.18
CA ASN B 52 21.01 -20.56 -7.80
C ASN B 52 22.42 -19.99 -7.65
N ALA B 53 22.65 -19.30 -6.53
CA ALA B 53 23.95 -18.72 -6.26
C ALA B 53 24.14 -18.61 -4.75
N ALA B 54 25.40 -18.54 -4.34
CA ALA B 54 25.75 -18.39 -2.94
C ALA B 54 27.12 -17.71 -2.86
N ILE B 55 27.66 -17.62 -1.65
CA ILE B 55 28.99 -17.05 -1.47
C ILE B 55 30.00 -17.97 -2.14
N ASN B 56 30.79 -17.41 -3.06
CA ASN B 56 31.83 -18.10 -3.82
C ASN B 56 31.29 -19.19 -4.73
N GLN B 57 29.98 -19.22 -4.97
CA GLN B 57 29.37 -20.19 -5.88
C GLN B 57 28.41 -19.46 -6.81
N ILE B 58 28.78 -19.37 -8.09
CA ILE B 58 27.91 -18.79 -9.10
C ILE B 58 28.40 -19.24 -10.47
N GLN B 59 27.45 -19.55 -11.34
CA GLN B 59 27.72 -19.83 -12.75
C GLN B 59 27.23 -18.64 -13.56
N ALA B 60 28.17 -17.96 -14.23
CA ALA B 60 27.81 -16.73 -14.96
C ALA B 60 26.80 -17.00 -16.06
N SER B 61 26.93 -18.14 -16.74
CA SER B 61 25.99 -18.46 -17.81
C SER B 61 24.59 -18.68 -17.28
N ASP B 62 24.46 -19.11 -16.02
CA ASP B 62 23.14 -19.31 -15.43
C ASP B 62 22.34 -18.01 -15.41
N TRP B 63 22.99 -16.90 -15.11
CA TRP B 63 22.33 -15.61 -15.03
C TRP B 63 22.39 -14.83 -16.33
N GLN B 64 23.32 -15.18 -17.23
CA GLN B 64 23.35 -14.54 -18.54
C GLN B 64 22.14 -14.96 -19.38
N ALA B 65 21.61 -16.16 -19.14
CA ALA B 65 20.45 -16.65 -19.86
C ALA B 65 19.16 -15.94 -19.47
N ALA B 66 19.16 -15.20 -18.37
CA ALA B 66 17.95 -14.55 -17.88
C ALA B 66 17.96 -13.03 -18.04
N GLY B 67 19.07 -12.45 -18.45
CA GLY B 67 19.15 -11.00 -18.57
C GLY B 67 19.41 -10.27 -17.27
N ILE B 68 19.98 -10.96 -16.28
CA ILE B 68 20.31 -10.33 -14.99
C ILE B 68 21.75 -9.85 -15.06
N PRO B 69 22.00 -8.54 -14.92
CA PRO B 69 23.37 -8.04 -14.99
C PRO B 69 24.16 -8.23 -13.70
N TYR B 70 23.49 -8.27 -12.56
CA TYR B 70 24.18 -8.30 -11.28
C TYR B 70 23.48 -9.24 -10.31
N VAL B 71 24.29 -9.97 -9.53
CA VAL B 71 23.80 -10.90 -8.53
C VAL B 71 24.47 -10.57 -7.20
N VAL B 72 23.69 -10.58 -6.12
CA VAL B 72 24.19 -10.32 -4.77
C VAL B 72 23.90 -11.54 -3.91
N THR B 73 24.94 -12.07 -3.28
CA THR B 73 24.83 -13.18 -2.35
C THR B 73 25.31 -12.75 -0.97
N GLY B 74 24.99 -13.56 0.03
CA GLY B 74 25.37 -13.24 1.40
C GLY B 74 25.06 -14.39 2.33
N GLN B 75 25.70 -14.34 3.50
CA GLN B 75 25.46 -15.34 4.53
C GLN B 75 25.75 -14.71 5.89
N ILE B 76 25.02 -15.18 6.90
CA ILE B 76 25.11 -14.63 8.26
C ILE B 76 25.69 -15.70 9.18
N LYS B 77 26.47 -15.24 10.15
CA LYS B 77 27.00 -16.09 11.21
C LYS B 77 26.84 -15.38 12.54
N GLN B 78 26.43 -16.12 13.57
CA GLN B 78 26.20 -15.54 14.89
C GLN B 78 27.49 -15.55 15.70
N THR B 79 27.84 -14.40 16.27
CA THR B 79 29.03 -14.24 17.09
C THR B 79 28.62 -13.87 18.51
N ALA B 80 29.62 -13.54 19.33
CA ALA B 80 29.35 -13.20 20.73
C ALA B 80 28.70 -11.83 20.85
N ASP B 81 29.16 -10.86 20.06
CA ASP B 81 28.70 -9.48 20.16
C ASP B 81 27.64 -9.13 19.12
N GLY B 82 27.12 -10.12 18.39
CA GLY B 82 26.09 -9.87 17.40
C GLY B 82 26.11 -10.86 16.25
N PHE B 83 26.52 -10.39 15.07
CA PHE B 83 26.62 -11.26 13.91
C PHE B 83 27.55 -10.60 12.90
N GLU B 84 27.88 -11.35 11.85
CA GLU B 84 28.75 -10.85 10.79
C GLU B 84 28.19 -11.25 9.43
N VAL B 85 28.33 -10.35 8.46
CA VAL B 85 27.81 -10.56 7.12
C VAL B 85 28.98 -10.77 6.16
N HIS B 86 28.93 -11.85 5.40
CA HIS B 86 29.80 -12.06 4.26
C HIS B 86 28.92 -11.90 3.03
N TYR B 87 29.12 -10.82 2.28
CA TYR B 87 28.31 -10.53 1.11
C TYR B 87 29.21 -10.33 -0.10
N GLN B 88 28.65 -10.60 -1.27
CA GLN B 88 29.37 -10.47 -2.54
C GLN B 88 28.47 -9.82 -3.58
N LEU B 89 29.08 -9.01 -4.44
CA LEU B 89 28.42 -8.44 -5.60
C LEU B 89 29.11 -8.97 -6.84
N TYR B 90 28.35 -9.61 -7.72
CA TYR B 90 28.90 -10.27 -8.90
C TYR B 90 28.40 -9.58 -10.15
N ASP B 91 29.34 -9.24 -11.04
CA ASP B 91 29.01 -8.71 -12.36
C ASP B 91 28.90 -9.88 -13.33
N VAL B 92 27.67 -10.19 -13.74
CA VAL B 92 27.44 -11.34 -14.61
C VAL B 92 28.08 -11.13 -15.97
N GLN B 93 28.13 -9.88 -16.45
CA GLN B 93 28.64 -9.62 -17.79
C GLN B 93 30.17 -9.66 -17.82
N LYS B 94 30.82 -8.93 -16.91
CA LYS B 94 32.28 -8.97 -16.85
C LYS B 94 32.81 -10.23 -16.18
N GLN B 95 31.93 -11.07 -15.64
CA GLN B 95 32.32 -12.31 -14.95
C GLN B 95 33.31 -12.03 -13.83
N GLN B 96 33.13 -10.89 -13.16
CA GLN B 96 34.01 -10.47 -12.08
C GLN B 96 33.18 -10.11 -10.86
N TYR B 97 33.76 -10.34 -9.68
CA TYR B 97 33.19 -9.84 -8.45
C TYR B 97 33.58 -8.39 -8.27
N LEU B 98 32.61 -7.56 -7.88
CA LEU B 98 32.89 -6.19 -7.52
C LEU B 98 33.00 -5.96 -6.02
N LEU B 99 32.41 -6.86 -5.22
CA LEU B 99 32.50 -6.77 -3.77
C LEU B 99 32.73 -8.16 -3.19
N ASN B 100 33.61 -8.23 -2.20
CA ASN B 100 33.83 -9.45 -1.42
C ASN B 100 34.25 -8.98 -0.02
N GLU B 101 33.26 -8.79 0.84
CA GLU B 101 33.45 -8.11 2.11
C GLU B 101 32.87 -8.94 3.26
N LEU B 102 33.51 -8.82 4.42
CA LEU B 102 32.98 -9.34 5.68
C LEU B 102 32.76 -8.17 6.63
N LEU B 103 31.52 -7.97 7.03
CA LEU B 103 31.15 -6.86 7.92
C LEU B 103 30.75 -7.43 9.28
N ASN B 104 31.49 -7.04 10.31
CA ASN B 104 31.16 -7.41 11.68
C ASN B 104 30.13 -6.42 12.23
N VAL B 105 28.95 -6.93 12.58
CA VAL B 105 27.84 -6.10 13.00
C VAL B 105 27.62 -6.26 14.50
N PRO B 106 27.40 -5.18 15.25
CA PRO B 106 27.03 -5.34 16.66
C PRO B 106 25.67 -6.01 16.83
N ALA B 107 25.21 -6.09 18.08
CA ALA B 107 24.06 -6.93 18.42
C ALA B 107 22.78 -6.53 17.69
N SER B 108 22.22 -5.36 18.00
CA SER B 108 20.87 -5.05 17.53
C SER B 108 20.83 -3.84 16.61
N ARG B 109 21.69 -3.80 15.59
CA ARG B 109 21.65 -2.76 14.57
C ARG B 109 21.79 -3.41 13.19
N ILE B 110 20.77 -4.19 12.83
CA ILE B 110 20.73 -4.80 11.51
C ILE B 110 20.34 -3.80 10.44
N ARG B 111 19.58 -2.77 10.81
CA ARG B 111 19.24 -1.72 9.85
C ARG B 111 20.48 -0.94 9.44
N GLN B 112 21.39 -0.70 10.39
CA GLN B 112 22.62 0.00 10.08
C GLN B 112 23.50 -0.79 9.13
N ALA B 113 23.59 -2.11 9.35
CA ALA B 113 24.41 -2.95 8.47
C ALA B 113 23.76 -3.12 7.10
N GLY B 114 22.43 -3.16 7.05
CA GLY B 114 21.76 -3.27 5.76
C GLY B 114 22.08 -2.10 4.84
N HIS B 115 22.16 -0.90 5.39
CA HIS B 115 22.53 0.26 4.60
C HIS B 115 24.01 0.27 4.25
N MET B 116 24.85 -0.41 5.04
CA MET B 116 26.25 -0.55 4.66
C MET B 116 26.41 -1.36 3.39
N VAL B 117 25.75 -2.52 3.34
CA VAL B 117 25.84 -3.38 2.16
C VAL B 117 25.29 -2.66 0.94
N SER B 118 24.18 -1.95 1.10
CA SER B 118 23.57 -1.26 -0.03
C SER B 118 24.44 -0.09 -0.49
N ASP B 119 25.02 0.65 0.44
CA ASP B 119 25.94 1.72 0.08
C ASP B 119 27.11 1.19 -0.75
N ALA B 120 27.67 0.06 -0.32
CA ALA B 120 28.81 -0.51 -1.05
C ALA B 120 28.38 -1.03 -2.42
N ILE B 121 27.20 -1.63 -2.51
CA ILE B 121 26.70 -2.10 -3.80
C ILE B 121 26.50 -0.93 -4.75
N TYR B 122 25.87 0.14 -4.25
CA TYR B 122 25.65 1.32 -5.08
C TYR B 122 26.97 1.93 -5.53
N GLN B 123 27.95 2.02 -4.63
CA GLN B 123 29.23 2.61 -5.00
C GLN B 123 29.98 1.73 -5.99
N ALA B 124 29.87 0.42 -5.85
CA ALA B 124 30.58 -0.49 -6.75
C ALA B 124 30.05 -0.45 -8.17
N LEU B 125 28.81 -0.02 -8.37
CA LEU B 125 28.22 0.03 -9.70
C LEU B 125 28.26 1.43 -10.32
N THR B 126 28.40 2.48 -9.51
CA THR B 126 28.31 3.85 -10.00
C THR B 126 29.55 4.68 -9.75
N GLY B 127 30.43 4.28 -8.84
CA GLY B 127 31.51 5.15 -8.43
C GLY B 127 31.07 6.32 -7.58
N ILE B 128 29.82 6.35 -7.15
CA ILE B 128 29.26 7.42 -6.31
C ILE B 128 28.93 6.81 -4.96
N PRO B 129 29.30 7.46 -3.85
CA PRO B 129 28.99 6.89 -2.53
C PRO B 129 27.50 6.70 -2.34
N GLY B 130 27.15 5.68 -1.57
CA GLY B 130 25.75 5.42 -1.26
C GLY B 130 25.19 6.42 -0.28
N ASP B 131 23.85 6.50 -0.25
CA ASP B 131 23.16 7.47 0.61
C ASP B 131 22.00 6.81 1.35
N PHE B 132 22.05 5.50 1.55
CA PHE B 132 21.03 4.82 2.34
C PHE B 132 21.33 4.83 3.83
N SER B 133 22.50 5.32 4.23
CA SER B 133 22.95 5.24 5.63
C SER B 133 22.74 6.53 6.41
N GLY B 134 22.45 7.65 5.73
CA GLY B 134 22.38 8.93 6.39
C GLY B 134 21.13 9.12 7.24
N ARG B 135 20.90 10.37 7.61
CA ARG B 135 19.73 10.75 8.39
C ARG B 135 19.09 11.98 7.77
N ILE B 136 17.78 12.11 7.95
CA ILE B 136 17.02 13.25 7.44
C ILE B 136 16.24 13.86 8.59
N ALA B 137 16.39 15.16 8.78
CA ALA B 137 15.66 15.90 9.80
C ALA B 137 14.41 16.54 9.19
N TYR B 138 13.36 16.61 9.99
CA TYR B 138 12.09 17.17 9.51
C TYR B 138 11.24 17.55 10.71
N VAL B 139 10.23 18.38 10.45
CA VAL B 139 9.32 18.87 11.48
C VAL B 139 7.93 18.31 11.17
N LEU B 140 7.36 17.58 12.13
CA LEU B 140 6.01 17.06 12.02
C LEU B 140 5.05 18.13 12.53
N ARG B 141 4.25 18.69 11.62
CA ARG B 141 3.21 19.64 11.97
C ARG B 141 1.86 18.92 11.98
N ASN B 142 1.09 19.12 13.05
CA ASN B 142 -0.23 18.51 13.19
C ASN B 142 -1.15 19.54 13.83
N PRO B 143 -1.92 20.27 13.03
CA PRO B 143 -2.70 21.39 13.59
C PRO B 143 -3.93 20.97 14.39
N ALA B 144 -4.41 19.73 14.21
CA ALA B 144 -5.62 19.29 14.88
C ALA B 144 -5.36 18.76 16.29
N THR B 145 -4.11 18.56 16.68
CA THR B 145 -3.75 17.99 17.98
C THR B 145 -2.75 18.91 18.65
N PRO B 146 -3.23 19.92 19.39
CA PRO B 146 -2.34 21.01 19.82
C PRO B 146 -1.18 20.60 20.71
N ALA B 147 -1.32 19.52 21.48
CA ALA B 147 -0.30 19.17 22.47
C ALA B 147 1.07 18.97 21.82
N GLU B 148 1.18 18.00 20.93
CA GLU B 148 2.41 17.76 20.17
C GLU B 148 2.32 18.35 18.78
N ARG B 149 1.88 19.61 18.70
CA ARG B 149 1.59 20.24 17.42
C ARG B 149 2.80 20.25 16.51
N TYR B 150 3.97 20.58 17.06
CA TYR B 150 5.21 20.61 16.30
C TYR B 150 6.18 19.61 16.90
N THR B 151 6.81 18.79 16.04
CA THR B 151 7.70 17.74 16.48
C THR B 151 8.90 17.69 15.55
N LEU B 152 10.06 18.12 16.04
CA LEU B 152 11.30 17.97 15.29
C LEU B 152 11.78 16.54 15.42
N GLN B 153 11.93 15.85 14.29
CA GLN B 153 12.33 14.46 14.27
C GLN B 153 13.50 14.26 13.31
N ILE B 154 14.29 13.24 13.59
CA ILE B 154 15.38 12.81 12.72
C ILE B 154 15.22 11.31 12.51
N ALA B 155 15.20 10.88 11.25
CA ALA B 155 15.00 9.48 10.93
C ALA B 155 15.99 9.07 9.86
N ASP B 156 16.03 7.76 9.59
CA ASP B 156 16.86 7.24 8.51
C ASP B 156 16.31 7.70 7.16
N THR B 157 17.09 7.46 6.11
CA THR B 157 16.70 7.90 4.78
C THR B 157 15.52 7.13 4.23
N ASP B 158 15.11 6.03 4.88
CA ASP B 158 13.90 5.31 4.51
C ASP B 158 12.76 5.57 5.49
N GLY B 159 12.93 6.52 6.40
CA GLY B 159 11.90 6.85 7.38
C GLY B 159 11.92 6.01 8.63
N GLU B 160 12.77 4.98 8.70
CA GLU B 160 12.79 4.11 9.85
C GLU B 160 13.62 4.72 10.98
N GLN B 161 13.40 4.22 12.18
CA GLN B 161 14.10 4.67 13.39
C GLN B 161 14.00 6.19 13.58
N PRO B 162 12.81 6.73 13.78
CA PRO B 162 12.69 8.18 13.99
C PRO B 162 13.19 8.58 15.37
N LYS B 163 13.80 9.76 15.43
CA LYS B 163 14.41 10.28 16.64
C LYS B 163 13.89 11.70 16.85
N THR B 164 12.89 11.83 17.73
CA THR B 164 12.37 13.14 18.08
C THR B 164 13.48 14.00 18.68
N VAL B 165 13.39 15.31 18.46
CA VAL B 165 14.32 16.27 19.05
C VAL B 165 13.63 17.21 20.03
N LEU B 166 12.39 17.62 19.71
CA LEU B 166 11.66 18.56 20.55
C LEU B 166 10.20 18.51 20.17
N SER B 167 9.32 18.64 21.17
CA SER B 167 7.89 18.74 20.97
C SER B 167 7.39 20.03 21.59
N SER B 168 6.41 20.65 20.95
CA SER B 168 5.88 21.94 21.41
C SER B 168 4.56 22.22 20.73
N ARG B 169 3.76 23.08 21.38
CA ARG B 169 2.54 23.60 20.77
C ARG B 169 2.81 24.75 19.83
N ASP B 170 4.02 25.28 19.80
CA ASP B 170 4.38 26.46 19.04
C ASP B 170 5.32 26.10 17.89
N PRO B 171 5.35 26.92 16.84
CA PRO B 171 6.11 26.56 15.63
C PRO B 171 7.57 26.22 15.91
N ILE B 172 8.01 25.09 15.36
CA ILE B 172 9.42 24.74 15.24
C ILE B 172 9.76 24.76 13.76
N LEU B 173 10.72 25.58 13.38
CA LEU B 173 10.98 25.85 11.96
C LEU B 173 12.43 25.65 11.61
N SER B 174 12.67 25.34 10.33
CA SER B 174 13.96 25.38 9.65
C SER B 174 15.06 24.65 10.41
N PRO B 175 15.04 23.32 10.45
CA PRO B 175 16.17 22.59 11.03
C PRO B 175 17.36 22.64 10.10
N ALA B 176 18.55 22.77 10.70
CA ALA B 176 19.79 22.84 9.93
C ALA B 176 20.88 22.07 10.66
N TRP B 177 21.62 21.27 9.91
CA TRP B 177 22.67 20.44 10.48
C TRP B 177 23.99 21.20 10.54
N THR B 178 24.81 20.84 11.52
CA THR B 178 26.19 21.29 11.52
C THR B 178 27.01 20.48 10.51
N PRO B 179 28.09 21.04 9.97
CA PRO B 179 28.87 20.34 8.94
C PRO B 179 29.25 18.90 9.29
N ASP B 180 29.39 18.58 10.58
CA ASP B 180 29.73 17.23 10.99
C ASP B 180 28.50 16.38 11.34
N ALA B 181 27.30 16.94 11.21
CA ALA B 181 26.04 16.25 11.49
C ALA B 181 25.95 15.78 12.94
N LYS B 182 26.76 16.35 13.84
CA LYS B 182 26.69 16.01 15.25
C LYS B 182 25.70 16.87 16.02
N LYS B 183 25.32 18.02 15.48
CA LYS B 183 24.36 18.92 16.12
C LYS B 183 23.36 19.40 15.09
N ILE B 184 22.18 19.79 15.55
CA ILE B 184 21.13 20.34 14.71
C ILE B 184 20.61 21.63 15.32
N ALA B 185 20.44 22.64 14.50
CA ALA B 185 19.88 23.91 14.93
C ALA B 185 18.47 24.09 14.36
N TYR B 186 17.67 24.88 15.05
CA TYR B 186 16.29 25.08 14.65
C TYR B 186 15.76 26.36 15.29
N VAL B 187 14.65 26.85 14.73
CA VAL B 187 13.96 28.01 15.26
C VAL B 187 12.75 27.53 16.05
N SER B 188 12.67 27.94 17.31
CA SER B 188 11.61 27.48 18.20
C SER B 188 10.90 28.70 18.78
N PHE B 189 9.59 28.79 18.56
CA PHE B 189 8.74 29.76 19.23
C PHE B 189 8.22 29.21 20.56
N GLU B 190 9.02 28.38 21.24
CA GLU B 190 8.64 27.81 22.53
C GLU B 190 8.07 28.88 23.46
N THR B 191 8.75 30.00 23.56
CA THR B 191 8.19 31.22 24.11
C THR B 191 7.77 32.13 22.95
N LYS B 192 6.90 33.10 23.26
CA LYS B 192 6.31 33.92 22.21
C LYS B 192 7.35 34.57 21.32
N ARG B 193 8.52 34.90 21.87
CA ARG B 193 9.54 35.49 21.02
C ARG B 193 10.48 34.42 20.48
N PRO B 194 10.89 34.54 19.22
CA PRO B 194 11.65 33.44 18.59
C PRO B 194 13.06 33.32 19.12
N ALA B 195 13.64 32.14 18.90
CA ALA B 195 15.00 31.86 19.35
C ALA B 195 15.55 30.69 18.53
N ILE B 196 16.83 30.80 18.17
CA ILE B 196 17.52 29.73 17.46
C ILE B 196 18.25 28.86 18.48
N TYR B 197 17.94 27.58 18.50
CA TYR B 197 18.53 26.63 19.42
C TYR B 197 19.58 25.78 18.70
N LEU B 198 20.60 25.38 19.46
CA LEU B 198 21.59 24.41 18.99
C LEU B 198 21.58 23.24 19.95
N GLN B 199 21.35 22.04 19.43
CA GLN B 199 21.15 20.85 20.25
C GLN B 199 22.17 19.79 19.88
N ASP B 200 22.94 19.33 20.87
CA ASP B 200 23.82 18.19 20.67
C ASP B 200 22.99 16.92 20.56
N LEU B 201 23.21 16.16 19.50
CA LEU B 201 22.42 14.95 19.27
C LEU B 201 22.89 13.77 20.11
N SER B 202 24.11 13.81 20.63
CA SER B 202 24.59 12.71 21.47
C SER B 202 24.11 12.86 22.91
N THR B 203 24.30 14.03 23.51
CA THR B 203 23.89 14.26 24.88
C THR B 203 22.47 14.77 25.00
N GLY B 204 21.89 15.31 23.93
CA GLY B 204 20.58 15.89 23.98
C GLY B 204 20.51 17.30 24.50
N THR B 205 21.61 17.84 25.03
CA THR B 205 21.60 19.16 25.64
C THR B 205 21.39 20.25 24.59
N ARG B 206 21.07 21.44 25.09
CA ARG B 206 20.63 22.57 24.28
C ARG B 206 21.49 23.79 24.59
N GLU B 207 21.31 24.83 23.79
CA GLU B 207 21.85 26.16 24.09
C GLU B 207 21.22 27.15 23.13
N VAL B 208 20.88 28.32 23.63
CA VAL B 208 20.30 29.38 22.81
C VAL B 208 21.44 30.09 22.07
N ILE B 209 21.40 30.03 20.74
CA ILE B 209 22.39 30.74 19.95
C ILE B 209 22.04 32.22 19.87
N THR B 210 20.79 32.52 19.51
CA THR B 210 20.31 33.90 19.46
C THR B 210 18.80 33.89 19.70
N SER B 211 18.33 34.95 20.37
CA SER B 211 16.90 35.12 20.65
C SER B 211 16.59 36.61 20.44
N PHE B 212 16.19 36.95 19.22
CA PHE B 212 15.92 38.32 18.83
C PHE B 212 14.42 38.61 18.94
N LYS B 213 14.02 39.78 18.45
CA LYS B 213 12.63 40.10 18.17
C LYS B 213 12.49 40.30 16.68
N GLY B 214 11.49 39.67 16.09
CA GLY B 214 11.38 39.65 14.64
C GLY B 214 12.52 38.85 14.04
N LEU B 215 12.62 37.58 14.42
CA LEU B 215 13.67 36.69 13.92
C LEU B 215 12.98 35.57 13.14
N ASN B 216 13.00 35.68 11.82
CA ASN B 216 12.42 34.64 10.98
C ASN B 216 13.23 33.36 11.00
N GLY B 217 14.52 33.45 11.32
CA GLY B 217 15.34 32.27 11.53
C GLY B 217 16.14 31.80 10.34
N ALA B 218 15.87 30.58 9.88
CA ALA B 218 16.57 29.93 8.78
C ALA B 218 18.07 29.88 9.03
N PRO B 219 18.54 29.10 9.99
CA PRO B 219 19.99 29.04 10.25
C PRO B 219 20.72 28.22 9.20
N SER B 220 21.98 28.58 9.00
CA SER B 220 22.86 27.88 8.06
C SER B 220 24.29 27.99 8.58
N PHE B 221 24.99 26.86 8.61
CA PHE B 221 26.31 26.78 9.24
C PHE B 221 27.42 26.78 8.20
N SER B 222 28.49 27.50 8.50
CA SER B 222 29.60 27.61 7.57
C SER B 222 30.39 26.30 7.52
N PRO B 223 30.94 25.96 6.35
CA PRO B 223 31.71 24.70 6.25
C PRO B 223 32.85 24.60 7.25
N ASP B 224 33.52 25.72 7.56
CA ASP B 224 34.63 25.67 8.51
C ASP B 224 34.18 25.50 9.95
N GLY B 225 32.87 25.47 10.21
CA GLY B 225 32.37 25.28 11.55
C GLY B 225 32.60 26.44 12.50
N LYS B 226 32.74 27.66 11.97
CA LYS B 226 33.02 28.82 12.79
C LYS B 226 31.94 29.89 12.76
N SER B 227 31.05 29.88 11.76
CA SER B 227 30.09 30.96 11.58
C SER B 227 28.70 30.37 11.31
N MET B 228 27.69 31.24 11.41
CA MET B 228 26.31 30.86 11.16
C MET B 228 25.59 32.04 10.53
N LEU B 229 24.81 31.77 9.49
CA LEU B 229 23.93 32.75 8.88
C LEU B 229 22.51 32.55 9.36
N PHE B 230 21.77 33.64 9.49
CA PHE B 230 20.37 33.58 9.90
C PHE B 230 19.66 34.85 9.44
N THR B 231 18.34 34.81 9.54
CA THR B 231 17.47 35.92 9.14
C THR B 231 16.81 36.51 10.36
N ALA B 232 16.79 37.85 10.42
CA ALA B 232 16.18 38.56 11.54
C ALA B 232 15.67 39.91 11.06
N SER B 233 14.42 40.22 11.40
CA SER B 233 13.78 41.48 10.99
C SER B 233 13.97 42.50 12.12
N MET B 234 15.15 43.10 12.15
CA MET B 234 15.38 44.26 12.99
C MET B 234 14.97 45.51 12.22
N ASN B 235 14.34 46.44 12.92
CA ASN B 235 13.67 47.58 12.31
C ASN B 235 12.55 47.13 11.40
N GLY B 236 12.71 47.27 10.09
CA GLY B 236 11.62 47.04 9.16
C GLY B 236 11.55 45.66 8.53
N ASN B 237 12.43 45.39 7.57
CA ASN B 237 12.38 44.21 6.73
C ASN B 237 13.41 43.18 7.18
N PRO B 238 13.27 41.91 6.77
CA PRO B 238 14.19 40.88 7.25
C PRO B 238 15.56 41.02 6.63
N GLU B 239 16.58 41.01 7.48
CA GLU B 239 17.97 41.12 7.07
C GLU B 239 18.71 39.81 7.29
N ILE B 240 19.82 39.66 6.59
CA ILE B 240 20.68 38.49 6.73
C ILE B 240 21.89 38.87 7.57
N TYR B 241 22.13 38.12 8.65
CA TYR B 241 23.25 38.35 9.53
C TYR B 241 24.15 37.12 9.56
N GLN B 242 25.39 37.33 9.98
CA GLN B 242 26.33 36.24 10.22
C GLN B 242 26.85 36.35 11.64
N MET B 243 26.82 35.24 12.37
CA MET B 243 27.26 35.20 13.76
C MET B 243 28.55 34.41 13.88
N ASP B 244 29.44 34.87 14.75
CA ASP B 244 30.63 34.11 15.11
C ASP B 244 30.26 33.14 16.23
N LEU B 245 30.35 31.84 15.93
CA LEU B 245 29.91 30.82 16.88
C LEU B 245 30.75 30.76 18.14
N SER B 246 31.89 31.45 18.18
CA SER B 246 32.76 31.43 19.35
C SER B 246 32.47 32.57 20.32
N THR B 247 32.20 33.77 19.81
CA THR B 247 31.90 34.93 20.64
C THR B 247 30.44 35.33 20.60
N ARG B 248 29.61 34.63 19.82
CA ARG B 248 28.21 34.97 19.61
C ARG B 248 28.04 36.40 19.07
N GLN B 249 29.11 36.96 18.50
CA GLN B 249 29.07 38.32 17.97
C GLN B 249 28.51 38.30 16.55
N VAL B 250 27.74 39.33 16.21
CA VAL B 250 26.94 39.35 14.99
C VAL B 250 27.43 40.48 14.09
N LYS B 251 27.62 40.16 12.81
CA LYS B 251 27.79 41.16 11.76
C LYS B 251 26.56 41.12 10.85
N ARG B 252 26.23 42.27 10.28
CA ARG B 252 25.13 42.38 9.33
C ARG B 252 25.69 42.28 7.92
N MET B 253 25.16 41.32 7.14
CA MET B 253 25.78 40.95 5.89
C MET B 253 25.35 41.83 4.72
N THR B 254 24.05 41.97 4.49
CA THR B 254 23.56 42.68 3.30
C THR B 254 22.36 43.54 3.66
N ASN B 255 21.96 44.38 2.70
CA ASN B 255 20.80 45.25 2.82
C ASN B 255 19.65 44.75 1.95
N ASP B 256 19.58 43.44 1.72
CA ASP B 256 18.67 42.89 0.72
C ASP B 256 17.21 43.18 1.07
N SER B 257 16.81 42.92 2.32
CA SER B 257 15.45 43.21 2.82
C SER B 257 14.44 42.61 1.84
N GLY B 258 13.45 43.37 1.37
CA GLY B 258 12.55 42.87 0.35
C GLY B 258 11.66 41.76 0.88
N ILE B 259 11.62 40.65 0.15
CA ILE B 259 10.80 39.50 0.48
C ILE B 259 11.64 38.57 1.37
N ASP B 260 11.02 37.52 1.91
CA ASP B 260 11.70 36.58 2.80
C ASP B 260 13.02 36.10 2.21
N THR B 261 13.96 35.76 3.09
CA THR B 261 15.33 35.49 2.69
C THR B 261 15.83 34.21 3.36
N GLU B 262 16.72 33.51 2.65
CA GLU B 262 17.25 32.22 3.08
C GLU B 262 18.73 32.17 2.67
N ALA B 263 19.61 32.54 3.60
CA ALA B 263 21.04 32.50 3.34
C ALA B 263 21.57 31.08 3.53
N ARG B 264 22.32 30.60 2.55
CA ARG B 264 22.88 29.26 2.56
C ARG B 264 24.35 29.33 2.17
N TYR B 265 25.24 28.94 3.09
CA TYR B 265 26.67 28.96 2.83
C TYR B 265 27.02 28.12 1.62
N THR B 266 28.06 28.56 0.90
CA THR B 266 28.60 27.81 -0.23
C THR B 266 29.60 26.78 0.27
N PRO B 267 29.55 25.54 -0.22
CA PRO B 267 30.41 24.47 0.34
C PRO B 267 31.90 24.82 0.42
N ASP B 268 32.40 25.71 -0.43
CA ASP B 268 33.80 26.11 -0.35
C ASP B 268 34.04 27.29 0.59
N GLY B 269 32.99 27.79 1.24
CA GLY B 269 33.11 28.89 2.18
C GLY B 269 33.39 30.25 1.57
N LYS B 270 33.39 30.37 0.24
CA LYS B 270 33.71 31.64 -0.39
C LYS B 270 32.52 32.60 -0.43
N ALA B 271 31.31 32.10 -0.29
CA ALA B 271 30.13 32.91 -0.52
C ALA B 271 28.92 32.25 0.14
N PHE B 272 27.75 32.85 -0.09
CA PHE B 272 26.48 32.21 0.27
C PHE B 272 25.40 32.73 -0.67
N ILE B 273 24.43 31.88 -0.96
CA ILE B 273 23.32 32.24 -1.82
C ILE B 273 22.13 32.64 -0.96
N PHE B 274 21.22 33.41 -1.56
CA PHE B 274 20.05 33.90 -0.83
C PHE B 274 18.99 34.35 -1.81
N THR B 275 17.76 34.38 -1.33
CA THR B 275 16.61 34.86 -2.10
C THR B 275 16.45 36.36 -1.90
N SER B 276 16.05 37.06 -2.96
CA SER B 276 15.80 38.50 -2.84
C SER B 276 14.94 38.98 -4.00
N ASP B 277 14.28 40.12 -3.78
CA ASP B 277 13.46 40.76 -4.80
C ASP B 277 14.10 42.00 -5.38
N ARG B 278 15.39 42.22 -5.13
CA ARG B 278 16.06 43.46 -5.52
C ARG B 278 16.11 43.65 -7.03
N GLY B 279 15.57 42.69 -7.79
CA GLY B 279 15.43 42.83 -9.22
C GLY B 279 14.00 43.01 -9.70
N GLY B 280 13.03 43.15 -8.79
CA GLY B 280 11.63 43.25 -9.14
C GLY B 280 10.84 41.98 -8.89
N SER B 281 11.51 40.88 -8.56
CA SER B 281 10.85 39.60 -8.33
C SER B 281 11.78 38.73 -7.51
N PRO B 282 11.24 37.75 -6.78
CA PRO B 282 12.11 36.87 -5.98
C PRO B 282 13.07 36.06 -6.84
N GLN B 283 14.37 36.36 -6.71
CA GLN B 283 15.41 35.65 -7.44
C GLN B 283 16.50 35.24 -6.47
N ILE B 284 17.42 34.41 -6.95
CA ILE B 284 18.53 33.90 -6.15
C ILE B 284 19.79 34.66 -6.51
N TYR B 285 20.50 35.14 -5.49
CA TYR B 285 21.73 35.90 -5.66
C TYR B 285 22.87 35.23 -4.91
N ARG B 286 24.08 35.73 -5.13
CA ARG B 286 25.29 35.19 -4.51
C ARG B 286 26.10 36.34 -3.93
N TYR B 287 26.23 36.36 -2.61
CA TYR B 287 27.04 37.36 -1.92
C TYR B 287 28.45 36.81 -1.75
N ASP B 288 29.44 37.52 -2.31
CA ASP B 288 30.83 37.10 -2.24
C ASP B 288 31.46 37.64 -0.95
N PHE B 289 31.96 36.73 -0.11
CA PHE B 289 32.63 37.13 1.12
C PHE B 289 33.91 37.92 0.83
N GLY B 290 34.52 37.69 -0.33
CA GLY B 290 35.80 38.32 -0.62
C GLY B 290 35.69 39.80 -0.91
N ASN B 291 34.78 40.18 -1.82
CA ASN B 291 34.66 41.56 -2.25
C ASN B 291 33.33 42.21 -1.88
N GLY B 292 32.43 41.49 -1.22
CA GLY B 292 31.15 42.06 -0.84
C GLY B 292 30.19 42.30 -1.98
N SER B 293 30.51 41.85 -3.18
CA SER B 293 29.64 42.05 -4.33
C SER B 293 28.53 41.00 -4.34
N VAL B 294 27.39 41.37 -4.91
CA VAL B 294 26.23 40.50 -5.05
C VAL B 294 25.96 40.28 -6.52
N LYS B 295 25.77 39.02 -6.90
CA LYS B 295 25.62 38.62 -8.30
C LYS B 295 24.37 37.77 -8.47
N ARG B 296 23.57 38.09 -9.48
CA ARG B 296 22.38 37.31 -9.77
C ARG B 296 22.77 35.94 -10.33
N LEU B 297 22.00 34.92 -9.96
CA LEU B 297 22.27 33.55 -10.39
C LEU B 297 21.16 32.97 -11.26
N THR B 298 19.90 33.22 -10.91
CA THR B 298 18.77 32.66 -11.65
C THR B 298 18.24 33.67 -12.65
N PHE B 299 18.08 33.24 -13.90
CA PHE B 299 17.62 34.11 -14.97
C PHE B 299 16.38 33.59 -15.70
N LYS B 300 16.03 32.31 -15.55
CA LYS B 300 14.88 31.73 -16.24
C LYS B 300 13.64 31.88 -15.37
N GLY B 301 12.61 32.52 -15.91
CA GLY B 301 11.35 32.67 -15.20
C GLY B 301 11.30 33.93 -14.36
N SER B 302 10.17 34.07 -13.66
CA SER B 302 9.90 35.24 -12.83
C SER B 302 9.97 34.95 -11.34
N PHE B 303 10.19 33.69 -10.94
CA PHE B 303 10.24 33.34 -9.53
C PHE B 303 11.25 32.22 -9.35
N ASN B 304 12.30 32.49 -8.57
CA ASN B 304 13.28 31.49 -8.16
C ASN B 304 13.70 31.83 -6.74
N ALA B 305 13.52 30.89 -5.82
CA ALA B 305 13.72 31.22 -4.42
C ALA B 305 13.99 29.94 -3.63
N ARG B 306 14.39 30.13 -2.36
CA ARG B 306 14.62 29.05 -1.42
C ARG B 306 15.64 28.05 -1.96
N GLY B 307 16.75 28.57 -2.46
CA GLY B 307 17.77 27.72 -3.06
C GLY B 307 18.69 27.11 -2.02
N THR B 308 19.16 25.91 -2.33
CA THR B 308 20.15 25.22 -1.52
C THR B 308 21.16 24.55 -2.46
N LEU B 309 22.35 24.31 -1.94
CA LEU B 309 23.48 23.88 -2.75
C LEU B 309 23.82 22.42 -2.51
N SER B 310 24.31 21.77 -3.55
CA SER B 310 24.80 20.40 -3.44
C SER B 310 26.12 20.38 -2.68
N ALA B 311 26.50 19.18 -2.24
CA ALA B 311 27.73 19.04 -1.45
C ALA B 311 28.96 19.47 -2.23
N ASP B 312 28.95 19.31 -3.56
CA ASP B 312 30.07 19.72 -4.38
C ASP B 312 29.97 21.19 -4.82
N GLY B 313 28.80 21.81 -4.68
CA GLY B 313 28.64 23.21 -5.04
C GLY B 313 28.42 23.47 -6.49
N LYS B 314 28.16 22.45 -7.31
CA LYS B 314 27.94 22.64 -8.73
C LYS B 314 26.50 22.95 -9.10
N LYS B 315 25.55 22.64 -8.23
CA LYS B 315 24.13 22.81 -8.55
CA LYS B 315 24.14 22.81 -8.56
C LYS B 315 23.40 23.47 -7.39
N ILE B 316 22.26 24.07 -7.71
CA ILE B 316 21.38 24.70 -6.73
C ILE B 316 20.02 24.05 -6.86
N ALA B 317 19.47 23.58 -5.73
CA ALA B 317 18.12 23.08 -5.66
C ALA B 317 17.21 24.20 -5.16
N LEU B 318 16.26 24.63 -5.99
CA LEU B 318 15.49 25.82 -5.71
C LEU B 318 14.01 25.57 -5.99
N VAL B 319 13.19 26.47 -5.45
CA VAL B 319 11.77 26.53 -5.80
C VAL B 319 11.63 27.44 -7.01
N HIS B 320 10.91 26.96 -8.03
CA HIS B 320 10.82 27.65 -9.30
C HIS B 320 9.37 27.63 -9.76
N ARG B 321 8.80 28.82 -9.99
CA ARG B 321 7.49 28.91 -10.64
C ARG B 321 7.55 29.99 -11.71
N PRO B 322 7.54 29.62 -12.99
CA PRO B 322 7.36 30.62 -14.04
C PRO B 322 6.00 31.30 -13.89
N SER B 323 5.88 32.46 -14.54
CA SER B 323 4.70 33.31 -14.34
C SER B 323 3.40 32.57 -14.59
N GLY B 324 3.43 31.51 -15.39
CA GLY B 324 2.20 30.83 -15.78
C GLY B 324 1.60 29.89 -14.75
N SER B 325 2.42 29.06 -14.12
CA SER B 325 1.87 27.93 -13.36
C SER B 325 2.23 27.93 -11.88
N ASN B 326 2.28 26.74 -11.30
CA ASN B 326 2.47 26.52 -9.87
CA ASN B 326 2.47 26.59 -9.86
C ASN B 326 3.95 26.45 -9.52
N TYR B 327 4.24 26.27 -8.24
CA TYR B 327 5.60 26.08 -7.77
C TYR B 327 6.16 24.76 -8.29
N LYS B 328 7.47 24.74 -8.54
CA LYS B 328 8.14 23.54 -9.02
C LYS B 328 9.51 23.42 -8.36
N VAL B 329 9.91 22.20 -8.08
CA VAL B 329 11.28 21.93 -7.64
C VAL B 329 12.16 21.85 -8.88
N ALA B 330 13.26 22.59 -8.87
CA ALA B 330 14.12 22.70 -10.04
C ALA B 330 15.58 22.57 -9.64
N ILE B 331 16.40 22.11 -10.59
CA ILE B 331 17.84 22.00 -10.43
C ILE B 331 18.49 22.92 -11.44
N GLN B 332 19.44 23.74 -10.98
CA GLN B 332 20.18 24.65 -11.84
C GLN B 332 21.67 24.38 -11.69
N ASP B 333 22.33 24.13 -12.81
CA ASP B 333 23.78 24.02 -12.82
C ASP B 333 24.40 25.40 -12.71
N ILE B 334 25.44 25.53 -11.88
CA ILE B 334 25.98 26.84 -11.56
C ILE B 334 26.94 27.32 -12.66
N ASN B 335 27.82 26.44 -13.15
CA ASN B 335 28.79 26.86 -14.15
C ASN B 335 28.12 27.33 -15.44
N THR B 336 27.11 26.59 -15.89
CA THR B 336 26.47 26.83 -17.17
C THR B 336 25.17 27.64 -17.07
N GLY B 337 24.31 27.29 -16.11
CA GLY B 337 23.05 27.97 -15.93
C GLY B 337 21.83 27.19 -16.40
N ILE B 338 22.00 25.94 -16.83
CA ILE B 338 20.88 25.14 -17.31
C ILE B 338 19.92 24.88 -16.15
N VAL B 339 18.68 25.30 -16.31
CA VAL B 339 17.63 25.09 -15.32
C VAL B 339 16.86 23.82 -15.70
N ASN B 340 16.74 22.90 -14.76
CA ASN B 340 16.08 21.62 -15.00
C ASN B 340 14.92 21.49 -14.02
N ILE B 341 13.69 21.53 -14.53
CA ILE B 341 12.50 21.39 -13.70
C ILE B 341 12.33 19.93 -13.34
N LEU B 342 12.26 19.64 -12.04
CA LEU B 342 12.22 18.26 -11.55
C LEU B 342 10.79 17.75 -11.41
N THR B 343 9.92 18.52 -10.77
CA THR B 343 8.57 18.08 -10.46
C THR B 343 7.78 19.27 -9.95
N PRO B 344 6.45 19.23 -10.07
CA PRO B 344 5.63 20.22 -9.37
C PRO B 344 5.69 20.01 -7.87
N THR B 345 5.39 21.08 -7.14
CA THR B 345 5.33 21.03 -5.68
C THR B 345 4.25 21.99 -5.21
N SER B 346 3.73 21.73 -4.02
CA SER B 346 2.66 22.52 -3.44
C SER B 346 3.13 23.49 -2.37
N LEU B 347 4.42 23.48 -2.03
CA LEU B 347 4.94 24.29 -0.93
C LEU B 347 6.11 25.13 -1.41
N ASP B 348 6.05 26.42 -1.11
CA ASP B 348 7.19 27.33 -1.31
C ASP B 348 8.17 27.12 -0.15
N GLU B 349 8.85 25.98 -0.20
CA GLU B 349 9.73 25.55 0.89
C GLU B 349 11.02 25.01 0.31
N SER B 350 12.10 25.18 1.06
CA SER B 350 13.42 24.83 0.57
C SER B 350 13.55 23.31 0.42
N PRO B 351 14.06 22.82 -0.71
CA PRO B 351 14.44 21.41 -0.82
C PRO B 351 15.82 21.20 -0.21
N SER B 352 16.31 19.96 -0.31
CA SER B 352 17.59 19.62 0.27
C SER B 352 18.27 18.53 -0.54
N PHE B 353 19.50 18.81 -0.97
CA PHE B 353 20.28 17.82 -1.71
C PHE B 353 20.73 16.69 -0.77
N SER B 354 20.81 15.49 -1.32
CA SER B 354 21.44 14.39 -0.62
C SER B 354 22.95 14.54 -0.69
N PRO B 355 23.68 13.92 0.25
CA PRO B 355 25.15 14.08 0.26
C PRO B 355 25.83 13.73 -1.05
N ASN B 356 25.29 12.78 -1.83
CA ASN B 356 25.93 12.42 -3.09
C ASN B 356 25.44 13.26 -4.27
N GLY B 357 24.42 14.10 -4.07
CA GLY B 357 23.91 14.95 -5.12
C GLY B 357 22.97 14.29 -6.10
N GLN B 358 22.75 12.99 -5.99
CA GLN B 358 21.84 12.29 -6.90
C GLN B 358 20.40 12.31 -6.45
N MET B 359 20.13 12.66 -5.19
CA MET B 359 18.79 12.69 -4.65
C MET B 359 18.46 14.08 -4.13
N VAL B 360 17.18 14.44 -4.19
CA VAL B 360 16.68 15.70 -3.66
C VAL B 360 15.42 15.42 -2.86
N VAL B 361 15.39 15.86 -1.62
CA VAL B 361 14.22 15.70 -0.75
C VAL B 361 13.53 17.05 -0.61
N TYR B 362 12.20 17.02 -0.58
CA TYR B 362 11.40 18.23 -0.42
C TYR B 362 10.07 17.85 0.22
N ALA B 363 9.40 18.86 0.77
CA ALA B 363 8.11 18.68 1.41
C ALA B 363 7.01 19.22 0.51
N THR B 364 5.90 18.50 0.44
CA THR B 364 4.76 18.92 -0.36
C THR B 364 3.49 18.33 0.25
N ARG B 365 2.36 18.52 -0.44
CA ARG B 365 1.08 18.05 0.05
CA ARG B 365 1.08 18.06 0.05
C ARG B 365 0.22 17.62 -1.13
N GLU B 366 -0.44 16.47 -0.98
CA GLU B 366 -1.32 15.92 -2.02
C GLU B 366 -2.57 15.41 -1.31
N GLY B 367 -3.54 16.31 -1.15
CA GLY B 367 -4.76 15.93 -0.44
C GLY B 367 -4.48 15.91 1.06
N ASN B 368 -4.97 14.87 1.73
CA ASN B 368 -4.70 14.70 3.15
C ASN B 368 -3.27 14.27 3.41
N ARG B 369 -2.55 13.81 2.38
CA ARG B 369 -1.22 13.26 2.56
C ARG B 369 -0.19 14.39 2.58
N GLY B 370 0.31 14.71 3.77
CA GLY B 370 1.50 15.51 3.89
C GLY B 370 2.71 14.59 3.92
N LEU B 371 3.66 14.83 3.04
CA LEU B 371 4.72 13.85 2.82
C LEU B 371 6.02 14.55 2.45
N LEU B 372 7.13 13.86 2.74
CA LEU B 372 8.42 14.16 2.15
C LEU B 372 8.56 13.36 0.87
N SER B 373 9.08 14.00 -0.17
CA SER B 373 9.30 13.35 -1.45
C SER B 373 10.77 13.40 -1.81
N ILE B 374 11.35 12.24 -2.11
CA ILE B 374 12.75 12.13 -2.50
C ILE B 374 12.80 11.71 -3.95
N MET B 375 13.41 12.56 -4.79
CA MET B 375 13.46 12.35 -6.22
C MET B 375 14.90 12.30 -6.70
N SER B 376 15.16 11.47 -7.70
CA SER B 376 16.46 11.48 -8.35
C SER B 376 16.65 12.80 -9.08
N THR B 377 17.91 13.20 -9.25
CA THR B 377 18.22 14.47 -9.88
C THR B 377 17.72 14.52 -11.32
N ASP B 378 17.60 13.36 -11.97
CA ASP B 378 17.16 13.29 -13.35
C ASP B 378 15.66 13.04 -13.50
N GLY B 379 14.91 13.08 -12.40
CA GLY B 379 13.47 12.97 -12.46
C GLY B 379 12.93 11.62 -12.88
N ARG B 380 13.77 10.60 -13.00
CA ARG B 380 13.32 9.28 -13.40
C ARG B 380 12.79 8.46 -12.24
N PHE B 381 12.98 8.92 -11.00
CA PHE B 381 12.63 8.14 -9.81
C PHE B 381 12.00 9.06 -8.78
N ARG B 382 10.89 8.63 -8.19
CA ARG B 382 10.23 9.37 -7.13
C ARG B 382 9.87 8.43 -6.00
N MET B 383 10.21 8.83 -4.78
CA MET B 383 9.88 8.08 -3.57
C MET B 383 9.25 9.03 -2.57
N ASN B 384 8.14 8.62 -1.97
CA ASN B 384 7.43 9.43 -0.99
C ASN B 384 7.64 8.90 0.41
N LEU B 385 7.69 9.82 1.37
CA LEU B 385 7.74 9.50 2.80
C LEU B 385 6.50 10.10 3.45
N PRO B 386 5.34 9.47 3.28
CA PRO B 386 4.11 10.06 3.81
C PRO B 386 3.95 9.85 5.30
N SER B 387 3.54 10.91 5.99
CA SER B 387 3.11 10.83 7.37
C SER B 387 1.62 10.56 7.41
N GLU B 388 1.21 9.70 8.33
CA GLU B 388 -0.15 9.17 8.33
C GLU B 388 -1.15 10.13 8.93
N GLN B 389 -0.72 11.34 9.29
CA GLN B 389 -1.68 12.36 9.70
C GLN B 389 -1.41 13.80 9.47
N GLY B 390 -0.36 14.35 10.06
CA GLY B 390 -0.08 15.74 9.89
C GLY B 390 0.59 15.98 8.56
N GLU B 391 1.37 17.05 8.52
CA GLU B 391 2.18 17.40 7.37
C GLU B 391 3.63 17.44 7.80
N VAL B 392 4.51 17.02 6.91
CA VAL B 392 5.95 17.08 7.14
C VAL B 392 6.50 18.26 6.37
N ARG B 393 7.29 19.09 7.04
CA ARG B 393 7.78 20.32 6.45
C ARG B 393 9.27 20.50 6.73
N GLU B 394 9.92 21.25 5.84
CA GLU B 394 11.30 21.70 5.99
C GLU B 394 12.27 20.56 6.25
N PRO B 395 12.48 19.67 5.27
CA PRO B 395 13.46 18.59 5.48
C PRO B 395 14.88 19.08 5.30
N ALA B 396 15.80 18.41 6.01
CA ALA B 396 17.22 18.73 5.94
C ALA B 396 18.00 17.43 5.99
N TRP B 397 18.60 17.05 4.87
CA TRP B 397 19.40 15.83 4.79
C TRP B 397 20.74 16.06 5.48
N ALA B 398 21.09 15.16 6.40
CA ALA B 398 22.32 15.30 7.14
C ALA B 398 23.53 15.17 6.21
N PRO B 399 24.56 15.99 6.39
CA PRO B 399 25.74 15.91 5.53
C PRO B 399 26.61 14.72 5.89
N LYS B 400 27.56 14.43 4.99
CA LYS B 400 28.47 13.32 5.17
C LYS B 400 29.92 13.77 5.08
#